data_5BYO
#
_entry.id   5BYO
#
_cell.length_a   95.414
_cell.length_b   119.365
_cell.length_c   76.339
_cell.angle_alpha   90.000
_cell.angle_beta   110.930
_cell.angle_gamma   90.000
#
_symmetry.space_group_name_H-M   'C 1 2 1'
#
loop_
_entity.id
_entity.type
_entity.pdbx_description
1 polymer dTor_12x31L
2 water water
#
_entity_poly.entity_id   1
_entity_poly.type   'polypeptide(L)'
_entity_poly.pdbx_seq_one_letter_code
;GSSMASGISVEELLKLAKAAYYSGTTVEEAYKLALKLGISVEELLKLAEAAYYSGTTVEEAYKLALKLGISVEELLKLAK
AAYYSGTTVEEAYKLALKLGISVEELLKLAKAAYYSGTTVEEAYKLALKLGISVEELLKLAEAAYYSGTTVEEAYKLALK
LGISVEELLKLAKAAYYSGTTVEEAYKLALKLGISVEELLKLAKAAYYSGTTVEEAYKLALKLGISVEELLKLAEAAYYS
GTTVEEAYKLALKLGISVEELLKLAKAAYYSGTTVEEAYKLALKLGISVEELLKLAKAAYYSGTTVEEAYKLALKLGISV
EELLKLAEAAYYSGTTVEEAYKLALKLGISVEELLKLAKAAYYSGTTVEEAYKLALKLG
;
_entity_poly.pdbx_strand_id   A,B
#
# COMPACT_ATOMS: atom_id res chain seq x y z
N ILE A 8 -12.47 24.37 -22.42
CA ILE A 8 -13.24 23.20 -22.00
C ILE A 8 -13.76 23.38 -20.59
N SER A 9 -14.64 22.47 -20.17
CA SER A 9 -15.21 22.55 -18.84
C SER A 9 -14.23 21.99 -17.82
N VAL A 10 -14.49 22.25 -16.55
CA VAL A 10 -13.61 21.81 -15.47
C VAL A 10 -13.58 20.29 -15.38
N GLU A 11 -14.72 19.66 -15.63
CA GLU A 11 -14.81 18.21 -15.61
C GLU A 11 -13.96 17.58 -16.73
N GLU A 12 -13.96 18.23 -17.89
CA GLU A 12 -13.20 17.75 -19.04
C GLU A 12 -11.70 17.96 -18.84
N LEU A 13 -11.33 19.06 -18.19
CA LEU A 13 -9.91 19.35 -17.94
C LEU A 13 -9.32 18.33 -16.97
N LEU A 14 -10.09 17.97 -15.96
CA LEU A 14 -9.66 16.98 -14.98
C LEU A 14 -9.42 15.65 -15.65
N LYS A 15 -10.30 15.30 -16.59
CA LYS A 15 -10.18 14.05 -17.34
C LYS A 15 -8.99 14.11 -18.29
N LEU A 16 -8.78 15.28 -18.90
CA LEU A 16 -7.62 15.52 -19.73
C LEU A 16 -6.32 15.41 -18.94
N ALA A 17 -6.35 15.96 -17.72
CA ALA A 17 -5.18 15.95 -16.85
C ALA A 17 -4.84 14.53 -16.40
N LYS A 18 -5.86 13.71 -16.21
CA LYS A 18 -5.64 12.31 -15.87
C LYS A 18 -5.04 11.55 -17.05
N ALA A 19 -5.54 11.84 -18.24
CA ALA A 19 -5.04 11.22 -19.45
C ALA A 19 -3.59 11.62 -19.71
N ALA A 20 -3.29 12.90 -19.50
CA ALA A 20 -1.94 13.42 -19.69
C ALA A 20 -0.99 12.80 -18.68
N TYR A 21 -1.51 12.44 -17.52
CA TYR A 21 -0.70 11.85 -16.47
C TYR A 21 -0.38 10.40 -16.78
N TYR A 22 -1.36 9.67 -17.32
CA TYR A 22 -1.17 8.28 -17.71
C TYR A 22 -0.21 8.17 -18.88
N SER A 23 -0.25 9.15 -19.78
CA SER A 23 0.50 9.08 -21.03
C SER A 23 1.79 9.89 -21.00
N GLY A 24 2.09 10.49 -19.85
CA GLY A 24 3.33 11.23 -19.69
C GLY A 24 3.47 12.44 -20.60
N THR A 25 2.35 13.10 -20.91
CA THR A 25 2.38 14.30 -21.74
C THR A 25 1.80 15.47 -20.98
N THR A 26 1.50 16.55 -21.70
CA THR A 26 0.87 17.72 -21.08
C THR A 26 -0.60 17.74 -21.45
N VAL A 27 -1.38 18.51 -20.69
CA VAL A 27 -2.82 18.59 -20.91
C VAL A 27 -3.20 19.05 -22.32
N GLU A 28 -2.55 20.10 -22.81
CA GLU A 28 -2.86 20.61 -24.14
C GLU A 28 -2.44 19.65 -25.24
N GLU A 29 -1.34 18.93 -25.02
CA GLU A 29 -0.87 17.93 -25.96
C GLU A 29 -1.88 16.77 -26.02
N ALA A 30 -2.47 16.47 -24.87
CA ALA A 30 -3.51 15.44 -24.81
C ALA A 30 -4.77 15.95 -25.50
N TYR A 31 -5.08 17.23 -25.32
CA TYR A 31 -6.27 17.81 -25.94
C TYR A 31 -6.16 17.88 -27.45
N LYS A 32 -4.99 18.26 -27.97
CA LYS A 32 -4.79 18.34 -29.40
C LYS A 32 -4.68 16.94 -30.02
N LEU A 33 -4.26 15.97 -29.21
CA LEU A 33 -4.23 14.58 -29.64
C LEU A 33 -5.66 14.10 -29.87
N ALA A 34 -6.55 14.45 -28.94
CA ALA A 34 -7.96 14.09 -29.07
C ALA A 34 -8.59 14.72 -30.30
N LEU A 35 -8.12 15.90 -30.69
CA LEU A 35 -8.62 16.59 -31.87
C LEU A 35 -8.10 15.91 -33.13
N LYS A 36 -6.84 15.49 -33.10
CA LYS A 36 -6.20 14.88 -34.25
C LYS A 36 -6.76 13.48 -34.50
N LEU A 37 -7.24 12.83 -33.44
CA LEU A 37 -7.83 11.51 -33.57
C LEU A 37 -9.35 11.61 -33.77
N GLY A 38 -9.89 12.81 -33.60
CA GLY A 38 -11.31 13.05 -33.77
C GLY A 38 -12.18 12.36 -32.73
N ILE A 39 -11.66 12.24 -31.51
CA ILE A 39 -12.39 11.58 -30.43
C ILE A 39 -12.62 12.52 -29.25
N SER A 40 -13.47 12.09 -28.31
CA SER A 40 -13.83 12.90 -27.17
C SER A 40 -12.82 12.78 -26.03
N VAL A 41 -12.99 13.60 -25.00
CA VAL A 41 -12.10 13.60 -23.84
C VAL A 41 -12.21 12.31 -23.03
N GLU A 42 -13.43 11.80 -22.90
CA GLU A 42 -13.67 10.57 -22.16
C GLU A 42 -13.02 9.38 -22.87
N GLU A 43 -13.07 9.40 -24.20
CA GLU A 43 -12.45 8.35 -25.00
C GLU A 43 -10.93 8.42 -24.90
N LEU A 44 -10.40 9.63 -24.86
CA LEU A 44 -8.96 9.83 -24.74
C LEU A 44 -8.44 9.24 -23.44
N LEU A 45 -9.16 9.50 -22.35
CA LEU A 45 -8.79 8.96 -21.04
C LEU A 45 -8.73 7.44 -21.04
N LYS A 46 -9.75 6.80 -21.60
CA LYS A 46 -9.78 5.35 -21.70
C LYS A 46 -8.64 4.84 -22.57
N LEU A 47 -8.34 5.57 -23.64
CA LEU A 47 -7.22 5.23 -24.50
C LEU A 47 -5.91 5.38 -23.75
N ALA A 48 -5.79 6.45 -22.97
CA ALA A 48 -4.60 6.70 -22.16
C ALA A 48 -4.45 5.60 -21.12
N GLU A 49 -5.56 5.12 -20.59
CA GLU A 49 -5.54 4.03 -19.62
C GLU A 49 -5.24 2.71 -20.31
N ALA A 50 -5.72 2.56 -21.53
CA ALA A 50 -5.45 1.36 -22.32
C ALA A 50 -3.99 1.28 -22.74
N ALA A 51 -3.45 2.42 -23.16
CA ALA A 51 -2.04 2.51 -23.57
C ALA A 51 -1.11 2.21 -22.41
N TYR A 52 -1.53 2.60 -21.20
CA TYR A 52 -0.74 2.37 -20.00
C TYR A 52 -0.68 0.88 -19.65
N TYR A 53 -1.79 0.18 -19.87
CA TYR A 53 -1.86 -1.25 -19.58
C TYR A 53 -1.04 -2.06 -20.58
N SER A 54 -0.99 -1.59 -21.82
CA SER A 54 -0.37 -2.35 -22.90
C SER A 54 1.06 -1.89 -23.19
N GLY A 55 1.50 -0.87 -22.48
CA GLY A 55 2.86 -0.37 -22.62
C GLY A 55 3.12 0.33 -23.93
N THR A 56 2.08 0.96 -24.48
CA THR A 56 2.23 1.71 -25.72
C THR A 56 1.88 3.18 -25.51
N THR A 57 1.87 3.95 -26.59
CA THR A 57 1.44 5.34 -26.53
C THR A 57 -0.06 5.42 -26.83
N VAL A 58 -0.64 6.59 -26.62
CA VAL A 58 -2.08 6.76 -26.82
C VAL A 58 -2.47 6.61 -28.29
N GLU A 59 -1.62 7.11 -29.18
CA GLU A 59 -1.92 7.07 -30.61
C GLU A 59 -1.71 5.65 -31.15
N GLU A 60 -0.73 4.95 -30.60
CA GLU A 60 -0.51 3.55 -30.93
C GLU A 60 -1.69 2.69 -30.47
N ALA A 61 -2.25 3.05 -29.32
CA ALA A 61 -3.41 2.33 -28.79
C ALA A 61 -4.63 2.57 -29.66
N TYR A 62 -4.74 3.78 -30.20
CA TYR A 62 -5.88 4.12 -31.06
C TYR A 62 -5.79 3.40 -32.40
N LYS A 63 -4.59 3.32 -32.96
CA LYS A 63 -4.36 2.60 -34.21
C LYS A 63 -4.69 1.12 -34.01
N LEU A 64 -4.39 0.64 -32.82
CA LEU A 64 -4.64 -0.75 -32.45
C LEU A 64 -6.13 -1.06 -32.41
N ALA A 65 -6.92 -0.12 -31.89
CA ALA A 65 -8.37 -0.29 -31.82
C ALA A 65 -8.98 -0.26 -33.21
N LEU A 66 -8.43 0.59 -34.08
CA LEU A 66 -8.90 0.70 -35.45
C LEU A 66 -8.55 -0.56 -36.24
N LYS A 67 -7.37 -1.11 -35.97
CA LYS A 67 -6.90 -2.29 -36.66
C LYS A 67 -7.73 -3.52 -36.30
N LEU A 68 -8.11 -3.63 -35.04
CA LEU A 68 -8.91 -4.75 -34.57
C LEU A 68 -10.40 -4.51 -34.85
N GLY A 69 -10.74 -3.29 -35.20
CA GLY A 69 -12.11 -2.93 -35.51
C GLY A 69 -13.02 -2.89 -34.30
N ILE A 70 -12.44 -2.56 -33.14
CA ILE A 70 -13.20 -2.49 -31.90
C ILE A 70 -13.28 -1.07 -31.35
N SER A 71 -14.12 -0.86 -30.36
CA SER A 71 -14.29 0.46 -29.76
C SER A 71 -13.19 0.73 -28.74
N VAL A 72 -13.12 1.97 -28.28
CA VAL A 72 -12.14 2.36 -27.28
C VAL A 72 -12.38 1.64 -25.95
N GLU A 73 -13.66 1.43 -25.64
CA GLU A 73 -14.06 0.72 -24.43
C GLU A 73 -13.64 -0.74 -24.50
N GLU A 74 -13.83 -1.35 -25.66
CA GLU A 74 -13.45 -2.74 -25.88
C GLU A 74 -11.94 -2.93 -25.82
N LEU A 75 -11.21 -1.95 -26.34
CA LEU A 75 -9.75 -1.99 -26.32
C LEU A 75 -9.23 -1.98 -24.88
N LEU A 76 -9.85 -1.15 -24.05
CA LEU A 76 -9.42 -0.99 -22.66
C LEU A 76 -9.62 -2.30 -21.89
N LYS A 77 -10.71 -3.00 -22.15
CA LYS A 77 -10.95 -4.30 -21.51
C LYS A 77 -9.97 -5.33 -22.05
N LEU A 78 -9.66 -5.20 -23.34
CA LEU A 78 -8.74 -6.12 -24.00
C LEU A 78 -7.32 -5.87 -23.51
N ALA A 79 -7.00 -4.60 -23.28
CA ALA A 79 -5.69 -4.21 -22.74
C ALA A 79 -5.50 -4.76 -21.33
N LYS A 80 -6.56 -4.75 -20.53
CA LYS A 80 -6.51 -5.28 -19.17
C LYS A 80 -6.38 -6.80 -19.19
N ALA A 81 -7.11 -7.45 -20.09
CA ALA A 81 -7.06 -8.90 -20.24
C ALA A 81 -5.66 -9.35 -20.65
N ALA A 82 -5.04 -8.61 -21.54
CA ALA A 82 -3.69 -8.92 -21.99
C ALA A 82 -2.71 -8.74 -20.84
N TYR A 83 -2.97 -7.73 -20.01
CA TYR A 83 -2.16 -7.45 -18.83
C TYR A 83 -2.23 -8.59 -17.80
N TYR A 84 -3.44 -9.08 -17.56
CA TYR A 84 -3.63 -10.16 -16.58
C TYR A 84 -3.03 -11.48 -17.04
N SER A 85 -3.00 -11.70 -18.36
CA SER A 85 -2.57 -12.98 -18.91
C SER A 85 -1.08 -12.97 -19.28
N GLY A 86 -0.51 -11.78 -19.40
CA GLY A 86 0.89 -11.63 -19.75
C GLY A 86 1.14 -11.66 -21.24
N THR A 87 0.08 -11.49 -22.02
CA THR A 87 0.20 -11.48 -23.48
C THR A 87 0.01 -10.07 -24.03
N THR A 88 0.09 -9.93 -25.35
CA THR A 88 -0.17 -8.65 -26.00
C THR A 88 -1.66 -8.55 -26.34
N VAL A 89 -2.10 -7.35 -26.71
CA VAL A 89 -3.49 -7.12 -27.03
C VAL A 89 -3.96 -8.00 -28.19
N GLU A 90 -3.11 -8.13 -29.20
CA GLU A 90 -3.44 -8.90 -30.39
C GLU A 90 -3.48 -10.41 -30.10
N GLU A 91 -2.58 -10.89 -29.25
CA GLU A 91 -2.60 -12.28 -28.83
C GLU A 91 -3.85 -12.55 -28.02
N ALA A 92 -4.24 -11.58 -27.20
CA ALA A 92 -5.46 -11.68 -26.41
C ALA A 92 -6.69 -11.68 -27.31
N TYR A 93 -6.64 -10.91 -28.38
CA TYR A 93 -7.76 -10.81 -29.32
C TYR A 93 -7.91 -12.09 -30.14
N LYS A 94 -6.77 -12.66 -30.53
CA LYS A 94 -6.77 -13.89 -31.30
C LYS A 94 -7.34 -15.05 -30.49
N LEU A 95 -7.09 -15.02 -29.18
CA LEU A 95 -7.60 -16.05 -28.29
C LEU A 95 -9.10 -15.92 -28.10
N ALA A 96 -9.58 -14.69 -27.97
CA ALA A 96 -11.02 -14.43 -27.89
C ALA A 96 -11.72 -14.91 -29.15
N LEU A 97 -11.04 -14.79 -30.27
CA LEU A 97 -11.57 -15.21 -31.56
C LEU A 97 -11.64 -16.72 -31.66
N LYS A 98 -10.61 -17.39 -31.14
CA LYS A 98 -10.55 -18.85 -31.18
C LYS A 98 -11.62 -19.49 -30.30
N LEU A 99 -11.90 -18.87 -29.16
CA LEU A 99 -12.88 -19.41 -28.23
C LEU A 99 -14.29 -18.93 -28.52
N GLY A 100 -14.41 -17.91 -29.36
CA GLY A 100 -15.71 -17.38 -29.74
C GLY A 100 -16.40 -16.67 -28.59
N ILE A 101 -15.63 -15.88 -27.84
CA ILE A 101 -16.17 -15.14 -26.70
C ILE A 101 -16.00 -13.63 -26.88
N SER A 102 -16.71 -12.86 -26.06
CA SER A 102 -16.61 -11.41 -26.09
C SER A 102 -15.38 -10.96 -25.32
N VAL A 103 -15.01 -9.69 -25.47
CA VAL A 103 -13.84 -9.15 -24.78
C VAL A 103 -14.10 -9.02 -23.28
N GLU A 104 -15.36 -8.86 -22.90
CA GLU A 104 -15.73 -8.75 -21.49
C GLU A 104 -15.62 -10.11 -20.81
N GLU A 105 -15.95 -11.16 -21.57
CA GLU A 105 -15.81 -12.53 -21.06
C GLU A 105 -14.34 -12.93 -20.99
N LEU A 106 -13.55 -12.43 -21.94
CA LEU A 106 -12.12 -12.67 -21.95
C LEU A 106 -11.46 -12.05 -20.72
N LEU A 107 -11.86 -10.83 -20.39
CA LEU A 107 -11.32 -10.12 -19.24
C LEU A 107 -11.62 -10.86 -17.94
N LYS A 108 -12.84 -11.40 -17.85
CA LYS A 108 -13.23 -12.21 -16.71
C LYS A 108 -12.44 -13.51 -16.68
N LEU A 109 -12.28 -14.10 -17.86
CA LEU A 109 -11.50 -15.32 -18.03
C LEU A 109 -10.03 -15.09 -17.68
N ALA A 110 -9.52 -13.92 -18.03
CA ALA A 110 -8.14 -13.57 -17.77
C ALA A 110 -7.92 -13.36 -16.27
N LYS A 111 -8.92 -12.79 -15.61
CA LYS A 111 -8.85 -12.60 -14.17
C LYS A 111 -8.87 -13.95 -13.45
N ALA A 112 -9.70 -14.87 -13.95
CA ALA A 112 -9.80 -16.21 -13.39
C ALA A 112 -8.49 -16.98 -13.52
N ALA A 113 -7.89 -16.91 -14.71
CA ALA A 113 -6.62 -17.58 -14.97
C ALA A 113 -5.52 -17.00 -14.08
N TYR A 114 -5.64 -15.72 -13.78
CA TYR A 114 -4.69 -15.03 -12.93
C TYR A 114 -4.80 -15.49 -11.47
N TYR A 115 -6.03 -15.68 -11.00
CA TYR A 115 -6.27 -16.17 -9.65
C TYR A 115 -5.90 -17.64 -9.50
N SER A 116 -5.74 -18.33 -10.63
CA SER A 116 -5.52 -19.77 -10.64
C SER A 116 -4.09 -20.14 -11.02
N GLY A 117 -3.36 -19.19 -11.58
CA GLY A 117 -2.02 -19.45 -12.08
C GLY A 117 -2.02 -20.38 -13.27
N THR A 118 -3.06 -20.25 -14.10
CA THR A 118 -3.17 -21.04 -15.32
C THR A 118 -3.23 -20.11 -16.52
N THR A 119 -3.40 -20.68 -17.72
CA THR A 119 -3.56 -19.86 -18.92
C THR A 119 -5.04 -19.62 -19.14
N VAL A 120 -5.35 -18.60 -19.93
CA VAL A 120 -6.73 -18.23 -20.23
C VAL A 120 -7.52 -19.39 -20.84
N GLU A 121 -6.93 -20.08 -21.80
CA GLU A 121 -7.60 -21.18 -22.48
C GLU A 121 -7.77 -22.39 -21.55
N GLU A 122 -6.82 -22.60 -20.66
CA GLU A 122 -6.94 -23.64 -19.64
C GLU A 122 -8.12 -23.36 -18.73
N ALA A 123 -8.30 -22.10 -18.37
CA ALA A 123 -9.43 -21.70 -17.53
C ALA A 123 -10.74 -21.91 -18.28
N TYR A 124 -10.71 -21.67 -19.59
CA TYR A 124 -11.89 -21.85 -20.42
C TYR A 124 -12.25 -23.33 -20.59
N LYS A 125 -11.21 -24.16 -20.74
CA LYS A 125 -11.41 -25.60 -20.88
C LYS A 125 -11.98 -26.17 -19.60
N LEU A 126 -11.58 -25.60 -18.48
CA LEU A 126 -12.07 -26.02 -17.17
C LEU A 126 -13.54 -25.63 -17.01
N ALA A 127 -13.87 -24.41 -17.42
CA ALA A 127 -15.25 -23.92 -17.37
C ALA A 127 -16.18 -24.81 -18.19
N LEU A 128 -15.70 -25.29 -19.34
CA LEU A 128 -16.48 -26.17 -20.19
C LEU A 128 -16.64 -27.55 -19.58
N LYS A 129 -15.57 -28.02 -18.92
CA LYS A 129 -15.58 -29.33 -18.29
C LYS A 129 -16.57 -29.36 -17.14
N LEU A 130 -16.50 -28.36 -16.27
CA LEU A 130 -17.40 -28.26 -15.13
C LEU A 130 -18.80 -27.84 -15.55
N GLY A 131 -18.94 -27.41 -16.80
CA GLY A 131 -20.22 -26.98 -17.34
C GLY A 131 -20.78 -25.72 -16.70
N ILE A 132 -19.91 -24.73 -16.50
CA ILE A 132 -20.32 -23.47 -15.86
C ILE A 132 -19.99 -22.26 -16.72
N SER A 133 -20.59 -21.12 -16.39
CA SER A 133 -20.36 -19.87 -17.11
C SER A 133 -19.03 -19.24 -16.72
N VAL A 134 -18.61 -18.23 -17.48
CA VAL A 134 -17.37 -17.51 -17.21
C VAL A 134 -17.43 -16.74 -15.89
N GLU A 135 -18.60 -16.19 -15.58
CA GLU A 135 -18.80 -15.44 -14.34
C GLU A 135 -18.68 -16.34 -13.12
N GLU A 136 -19.20 -17.56 -13.24
CA GLU A 136 -19.15 -18.53 -12.16
C GLU A 136 -17.75 -19.06 -11.94
N LEU A 137 -17.00 -19.24 -13.03
CA LEU A 137 -15.62 -19.69 -12.94
C LEU A 137 -14.76 -18.67 -12.21
N LEU A 138 -15.01 -17.40 -12.49
CA LEU A 138 -14.26 -16.32 -11.86
C LEU A 138 -14.47 -16.30 -10.34
N LYS A 139 -15.71 -16.50 -9.92
CA LYS A 139 -16.03 -16.58 -8.49
C LYS A 139 -15.36 -17.81 -7.88
N LEU A 140 -15.41 -18.92 -8.60
CA LEU A 140 -14.75 -20.16 -8.17
C LEU A 140 -13.26 -19.95 -8.02
N ALA A 141 -12.67 -19.26 -9.00
CA ALA A 141 -11.24 -18.97 -8.98
C ALA A 141 -10.84 -18.13 -7.78
N GLU A 142 -11.64 -17.12 -7.46
CA GLU A 142 -11.38 -16.28 -6.29
C GLU A 142 -11.56 -17.09 -5.00
N ALA A 143 -12.57 -17.94 -4.97
CA ALA A 143 -12.82 -18.81 -3.82
C ALA A 143 -11.65 -19.76 -3.60
N ALA A 144 -11.16 -20.33 -4.70
CA ALA A 144 -10.03 -21.25 -4.65
C ALA A 144 -8.77 -20.52 -4.20
N TYR A 145 -8.65 -19.26 -4.60
CA TYR A 145 -7.52 -18.44 -4.23
C TYR A 145 -7.52 -18.14 -2.73
N TYR A 146 -8.71 -17.81 -2.19
CA TYR A 146 -8.86 -17.56 -0.76
C TYR A 146 -8.57 -18.80 0.07
N SER A 147 -9.04 -19.95 -0.41
CA SER A 147 -8.97 -21.18 0.37
C SER A 147 -7.76 -22.04 0.04
N GLY A 148 -6.89 -21.53 -0.85
CA GLY A 148 -5.69 -22.25 -1.24
C GLY A 148 -5.93 -23.63 -1.84
N THR A 149 -6.93 -23.74 -2.70
CA THR A 149 -7.21 -24.98 -3.40
C THR A 149 -7.22 -24.75 -4.90
N THR A 150 -7.73 -25.72 -5.65
CA THR A 150 -7.90 -25.54 -7.09
C THR A 150 -9.36 -25.25 -7.39
N VAL A 151 -9.64 -24.76 -8.59
CA VAL A 151 -10.99 -24.40 -8.98
C VAL A 151 -11.93 -25.60 -8.99
N GLU A 152 -11.43 -26.75 -9.45
CA GLU A 152 -12.26 -27.94 -9.51
C GLU A 152 -12.48 -28.53 -8.12
N GLU A 153 -11.50 -28.31 -7.24
CA GLU A 153 -11.64 -28.72 -5.85
C GLU A 153 -12.70 -27.86 -5.16
N ALA A 154 -12.67 -26.56 -5.47
CA ALA A 154 -13.67 -25.63 -4.94
C ALA A 154 -15.05 -25.97 -5.48
N TYR A 155 -15.12 -26.29 -6.77
CA TYR A 155 -16.38 -26.67 -7.40
C TYR A 155 -16.89 -27.99 -6.84
N LYS A 156 -15.98 -28.93 -6.61
CA LYS A 156 -16.34 -30.22 -6.02
C LYS A 156 -16.86 -30.02 -4.60
N LEU A 157 -16.27 -29.05 -3.90
CA LEU A 157 -16.65 -28.74 -2.53
C LEU A 157 -18.06 -28.14 -2.45
N ALA A 158 -18.35 -27.21 -3.36
CA ALA A 158 -19.65 -26.56 -3.42
C ALA A 158 -20.77 -27.58 -3.69
N LEU A 159 -20.43 -28.60 -4.48
CA LEU A 159 -21.39 -29.63 -4.83
C LEU A 159 -21.62 -30.58 -3.65
N LYS A 160 -20.54 -30.84 -2.92
CA LYS A 160 -20.59 -31.74 -1.77
C LYS A 160 -21.36 -31.11 -0.61
N LEU A 161 -21.32 -29.78 -0.53
CA LEU A 161 -22.05 -29.06 0.51
C LEU A 161 -23.45 -28.69 0.03
N GLY A 162 -23.68 -28.83 -1.27
CA GLY A 162 -24.97 -28.53 -1.86
C GLY A 162 -25.29 -27.04 -1.94
N ILE A 163 -24.25 -26.22 -2.06
CA ILE A 163 -24.42 -24.78 -2.12
C ILE A 163 -23.99 -24.21 -3.48
N SER A 164 -24.30 -22.94 -3.71
CA SER A 164 -24.01 -22.29 -4.98
C SER A 164 -22.59 -21.74 -5.01
N VAL A 165 -22.16 -21.29 -6.19
CA VAL A 165 -20.83 -20.72 -6.37
C VAL A 165 -20.69 -19.40 -5.61
N GLU A 166 -21.76 -18.61 -5.62
CA GLU A 166 -21.78 -17.35 -4.89
C GLU A 166 -21.65 -17.58 -3.39
N GLU A 167 -22.33 -18.60 -2.89
CA GLU A 167 -22.27 -18.96 -1.48
C GLU A 167 -20.89 -19.50 -1.10
N LEU A 168 -20.29 -20.24 -2.02
CA LEU A 168 -18.96 -20.80 -1.78
C LEU A 168 -17.92 -19.69 -1.60
N LEU A 169 -18.00 -18.67 -2.44
CA LEU A 169 -17.07 -17.55 -2.41
C LEU A 169 -17.16 -16.78 -1.09
N LYS A 170 -18.38 -16.49 -0.64
CA LYS A 170 -18.60 -15.80 0.63
C LYS A 170 -18.09 -16.66 1.78
N LEU A 171 -18.24 -17.98 1.63
CA LEU A 171 -17.81 -18.93 2.62
C LEU A 171 -16.29 -19.00 2.65
N ALA A 172 -15.68 -18.88 1.47
CA ALA A 172 -14.22 -18.87 1.36
C ALA A 172 -13.64 -17.62 1.97
N LYS A 173 -14.39 -16.51 1.90
CA LYS A 173 -13.95 -15.25 2.48
C LYS A 173 -14.11 -15.28 3.99
N ALA A 174 -15.15 -15.96 4.47
CA ALA A 174 -15.39 -16.10 5.89
C ALA A 174 -14.34 -17.00 6.53
N ALA A 175 -13.96 -18.06 5.82
CA ALA A 175 -12.92 -18.97 6.28
C ALA A 175 -11.58 -18.27 6.34
N TYR A 176 -11.37 -17.30 5.44
CA TYR A 176 -10.13 -16.55 5.40
C TYR A 176 -10.03 -15.58 6.57
N TYR A 177 -11.15 -14.95 6.92
CA TYR A 177 -11.19 -14.02 8.04
C TYR A 177 -11.00 -14.74 9.38
N SER A 178 -11.53 -15.96 9.47
CA SER A 178 -11.55 -16.69 10.73
C SER A 178 -10.46 -17.73 10.83
N GLY A 179 -9.62 -17.82 9.80
CA GLY A 179 -8.48 -18.72 9.81
C GLY A 179 -8.84 -20.19 9.84
N THR A 180 -9.91 -20.56 9.15
CA THR A 180 -10.34 -21.96 9.08
C THR A 180 -10.41 -22.43 7.64
N THR A 181 -10.88 -23.66 7.43
CA THR A 181 -11.11 -24.17 6.10
C THR A 181 -12.54 -23.83 5.68
N VAL A 182 -12.86 -24.01 4.40
CA VAL A 182 -14.18 -23.66 3.90
C VAL A 182 -15.25 -24.57 4.48
N GLU A 183 -14.96 -25.87 4.57
CA GLU A 183 -15.91 -26.83 5.11
C GLU A 183 -16.11 -26.59 6.60
N GLU A 184 -15.03 -26.25 7.29
CA GLU A 184 -15.11 -25.91 8.71
C GLU A 184 -15.99 -24.68 8.91
N ALA A 185 -15.87 -23.72 8.00
CA ALA A 185 -16.67 -22.50 8.06
C ALA A 185 -18.14 -22.81 7.81
N TYR A 186 -18.40 -23.77 6.93
CA TYR A 186 -19.77 -24.18 6.61
C TYR A 186 -20.43 -24.87 7.79
N LYS A 187 -19.70 -25.77 8.43
CA LYS A 187 -20.20 -26.47 9.61
C LYS A 187 -20.49 -25.48 10.72
N LEU A 188 -19.68 -24.42 10.78
CA LEU A 188 -19.85 -23.35 11.75
C LEU A 188 -21.17 -22.61 11.52
N ALA A 189 -21.51 -22.39 10.25
CA ALA A 189 -22.76 -21.72 9.91
C ALA A 189 -23.97 -22.58 10.28
N LEU A 190 -23.89 -23.87 10.01
CA LEU A 190 -24.94 -24.82 10.39
C LEU A 190 -25.04 -24.93 11.91
N LYS A 191 -23.89 -24.96 12.56
CA LYS A 191 -23.83 -25.09 14.02
C LYS A 191 -24.51 -23.91 14.70
N LEU A 192 -24.36 -22.72 14.12
CA LEU A 192 -24.94 -21.51 14.70
C LEU A 192 -26.34 -21.23 14.14
N GLY A 193 -26.72 -21.97 13.10
CA GLY A 193 -28.03 -21.83 12.50
C GLY A 193 -28.21 -20.54 11.73
N ILE A 194 -27.11 -20.01 11.18
CA ILE A 194 -27.15 -18.77 10.41
C ILE A 194 -26.85 -19.02 8.93
N SER A 195 -27.09 -18.02 8.10
CA SER A 195 -26.80 -18.11 6.67
C SER A 195 -25.33 -17.88 6.39
N VAL A 196 -24.91 -18.14 5.15
CA VAL A 196 -23.53 -17.91 4.74
C VAL A 196 -23.20 -16.42 4.79
N GLU A 197 -24.20 -15.59 4.48
CA GLU A 197 -24.03 -14.14 4.52
C GLU A 197 -23.81 -13.65 5.94
N GLU A 198 -24.56 -14.22 6.89
CA GLU A 198 -24.45 -13.84 8.28
C GLU A 198 -23.11 -14.29 8.88
N LEU A 199 -22.62 -15.43 8.42
CA LEU A 199 -21.35 -15.94 8.91
C LEU A 199 -20.19 -15.05 8.46
N LEU A 200 -20.22 -14.61 7.21
CA LEU A 200 -19.17 -13.76 6.66
C LEU A 200 -19.07 -12.45 7.45
N LYS A 201 -20.23 -11.88 7.77
CA LYS A 201 -20.28 -10.67 8.58
C LYS A 201 -19.81 -10.95 10.01
N LEU A 202 -20.16 -12.13 10.51
CA LEU A 202 -19.79 -12.54 11.85
C LEU A 202 -18.30 -12.84 11.92
N ALA A 203 -17.78 -13.39 10.83
CA ALA A 203 -16.34 -13.66 10.72
C ALA A 203 -15.53 -12.37 10.68
N LYS A 204 -16.08 -11.34 10.06
CA LYS A 204 -15.44 -10.03 10.02
C LYS A 204 -15.42 -9.38 11.40
N ALA A 205 -16.55 -9.47 12.09
CA ALA A 205 -16.69 -8.89 13.43
C ALA A 205 -15.72 -9.53 14.41
N ALA A 206 -15.53 -10.83 14.27
CA ALA A 206 -14.59 -11.56 15.11
C ALA A 206 -13.16 -11.15 14.78
N TYR A 207 -12.93 -10.88 13.50
CA TYR A 207 -11.62 -10.41 13.04
C TYR A 207 -11.29 -9.03 13.61
N TYR A 208 -12.28 -8.14 13.59
CA TYR A 208 -12.09 -6.77 14.09
C TYR A 208 -11.86 -6.72 15.59
N SER A 209 -12.48 -7.64 16.32
CA SER A 209 -12.44 -7.60 17.78
C SER A 209 -11.45 -8.59 18.37
N GLY A 210 -10.81 -9.37 17.51
CA GLY A 210 -9.79 -10.31 17.95
C GLY A 210 -10.32 -11.55 18.65
N THR A 211 -11.60 -11.85 18.43
CA THR A 211 -12.22 -13.02 19.05
C THR A 211 -12.49 -14.11 18.01
N THR A 212 -13.03 -15.23 18.49
CA THR A 212 -13.49 -16.30 17.60
C THR A 212 -14.90 -15.99 17.12
N VAL A 213 -15.33 -16.68 16.06
CA VAL A 213 -16.66 -16.50 15.52
C VAL A 213 -17.74 -16.81 16.56
N GLU A 214 -17.49 -17.84 17.37
CA GLU A 214 -18.44 -18.27 18.38
C GLU A 214 -18.49 -17.30 19.56
N GLU A 215 -17.34 -16.73 19.90
CA GLU A 215 -17.28 -15.72 20.95
C GLU A 215 -18.05 -14.47 20.54
N ALA A 216 -17.88 -14.09 19.28
CA ALA A 216 -18.57 -12.92 18.72
C ALA A 216 -20.08 -13.18 18.66
N TYR A 217 -20.44 -14.44 18.45
CA TYR A 217 -21.85 -14.83 18.37
C TYR A 217 -22.54 -14.80 19.72
N LYS A 218 -21.84 -15.29 20.75
CA LYS A 218 -22.38 -15.28 22.11
C LYS A 218 -22.57 -13.85 22.58
N LEU A 219 -21.63 -12.98 22.18
CA LEU A 219 -21.70 -11.57 22.52
C LEU A 219 -22.93 -10.90 21.90
N ALA A 220 -23.20 -11.22 20.63
CA ALA A 220 -24.38 -10.72 19.95
C ALA A 220 -25.66 -11.20 20.63
N LEU A 221 -25.63 -12.43 21.13
CA LEU A 221 -26.78 -13.02 21.81
C LEU A 221 -26.98 -12.36 23.18
N LYS A 222 -25.88 -12.08 23.86
CA LYS A 222 -25.94 -11.45 25.17
C LYS A 222 -26.46 -10.02 25.06
N LEU A 223 -25.99 -9.30 24.05
CA LEU A 223 -26.40 -7.91 23.84
C LEU A 223 -27.75 -7.82 23.13
N GLY A 224 -28.21 -8.93 22.58
CA GLY A 224 -29.49 -8.97 21.88
C GLY A 224 -29.51 -8.14 20.61
N ILE A 225 -28.43 -8.22 19.84
CA ILE A 225 -28.31 -7.44 18.61
C ILE A 225 -28.12 -8.31 17.36
N SER A 226 -28.35 -7.71 16.20
CA SER A 226 -28.11 -8.37 14.92
C SER A 226 -26.62 -8.57 14.68
N VAL A 227 -26.28 -9.43 13.71
CA VAL A 227 -24.88 -9.64 13.36
C VAL A 227 -24.36 -8.47 12.54
N GLU A 228 -25.27 -7.73 11.92
CA GLU A 228 -24.91 -6.53 11.17
C GLU A 228 -24.59 -5.39 12.14
N GLU A 229 -25.31 -5.36 13.25
CA GLU A 229 -25.06 -4.39 14.30
C GLU A 229 -23.76 -4.70 15.03
N LEU A 230 -23.49 -6.00 15.21
CA LEU A 230 -22.26 -6.44 15.84
C LEU A 230 -21.04 -6.04 15.02
N LEU A 231 -21.14 -6.22 13.71
CA LEU A 231 -20.05 -5.88 12.80
C LEU A 231 -19.77 -4.38 12.83
N LYS A 232 -20.83 -3.59 12.92
CA LYS A 232 -20.69 -2.14 13.06
C LYS A 232 -20.07 -1.79 14.40
N LEU A 233 -20.48 -2.53 15.44
CA LEU A 233 -19.96 -2.33 16.79
C LEU A 233 -18.49 -2.71 16.88
N ALA A 234 -18.11 -3.79 16.18
CA ALA A 234 -16.74 -4.27 16.19
C ALA A 234 -15.81 -3.28 15.52
N GLU A 235 -16.28 -2.70 14.41
CA GLU A 235 -15.53 -1.67 13.71
C GLU A 235 -15.37 -0.43 14.59
N ALA A 236 -16.43 -0.10 15.33
CA ALA A 236 -16.41 1.03 16.24
C ALA A 236 -15.43 0.81 17.38
N ALA A 237 -15.43 -0.40 17.93
CA ALA A 237 -14.52 -0.76 19.01
C ALA A 237 -13.09 -0.74 18.52
N TYR A 238 -12.90 -1.11 17.26
CA TYR A 238 -11.60 -1.16 16.64
C TYR A 238 -11.06 0.25 16.36
N TYR A 239 -11.96 1.18 16.04
CA TYR A 239 -11.60 2.57 15.81
C TYR A 239 -11.27 3.27 17.12
N SER A 240 -11.92 2.82 18.19
CA SER A 240 -11.80 3.46 19.50
C SER A 240 -10.68 2.88 20.35
N GLY A 241 -10.40 1.60 20.16
CA GLY A 241 -9.42 0.90 20.97
C GLY A 241 -10.06 0.34 22.23
N THR A 242 -11.37 0.13 22.16
CA THR A 242 -12.12 -0.48 23.26
C THR A 242 -12.58 -1.87 22.86
N THR A 243 -13.34 -2.52 23.73
CA THR A 243 -13.94 -3.81 23.39
C THR A 243 -15.32 -3.56 22.79
N VAL A 244 -15.86 -4.56 22.11
CA VAL A 244 -17.18 -4.46 21.50
C VAL A 244 -18.25 -4.15 22.54
N GLU A 245 -18.15 -4.83 23.68
CA GLU A 245 -19.10 -4.68 24.77
C GLU A 245 -19.02 -3.29 25.40
N GLU A 246 -17.80 -2.78 25.53
CA GLU A 246 -17.59 -1.42 26.03
C GLU A 246 -18.20 -0.38 25.11
N ALA A 247 -18.07 -0.60 23.81
CA ALA A 247 -18.62 0.30 22.81
C ALA A 247 -20.16 0.33 22.87
N TYR A 248 -20.76 -0.82 23.17
CA TYR A 248 -22.21 -0.91 23.26
C TYR A 248 -22.72 -0.17 24.49
N LYS A 249 -22.01 -0.30 25.60
CA LYS A 249 -22.37 0.38 26.83
C LYS A 249 -22.25 1.90 26.65
N LEU A 250 -21.27 2.31 25.87
CA LEU A 250 -21.07 3.72 25.56
C LEU A 250 -22.23 4.26 24.74
N ALA A 251 -22.64 3.51 23.72
CA ALA A 251 -23.78 3.89 22.88
C ALA A 251 -25.06 4.05 23.69
N LEU A 252 -25.24 3.16 24.66
CA LEU A 252 -26.42 3.21 25.52
C LEU A 252 -26.37 4.41 26.46
N LYS A 253 -25.17 4.70 26.94
CA LYS A 253 -24.97 5.83 27.85
C LYS A 253 -25.22 7.15 27.13
N LEU A 254 -24.76 7.23 25.88
CA LEU A 254 -24.95 8.44 25.09
C LEU A 254 -26.33 8.46 24.45
N GLY A 255 -27.05 7.34 24.55
CA GLY A 255 -28.39 7.23 23.99
C GLY A 255 -28.45 7.32 22.48
N ILE A 256 -27.50 6.68 21.80
CA ILE A 256 -27.43 6.73 20.34
C ILE A 256 -27.45 5.33 19.73
N SER A 257 -27.69 5.27 18.42
CA SER A 257 -27.74 4.01 17.70
C SER A 257 -26.34 3.49 17.38
N VAL A 258 -26.27 2.24 16.91
CA VAL A 258 -25.01 1.63 16.55
C VAL A 258 -24.35 2.32 15.34
N GLU A 259 -25.18 2.76 14.40
CA GLU A 259 -24.69 3.45 13.22
C GLU A 259 -24.07 4.78 13.59
N GLU A 260 -24.70 5.48 14.53
CA GLU A 260 -24.21 6.77 14.99
C GLU A 260 -22.91 6.64 15.78
N LEU A 261 -22.78 5.56 16.53
CA LEU A 261 -21.57 5.33 17.33
C LEU A 261 -20.37 5.07 16.44
N LEU A 262 -20.60 4.31 15.37
CA LEU A 262 -19.56 3.98 14.41
C LEU A 262 -19.02 5.24 13.74
N LYS A 263 -19.92 6.15 13.41
CA LYS A 263 -19.54 7.42 12.80
C LYS A 263 -18.78 8.29 13.82
N LEU A 264 -19.25 8.27 15.06
CA LEU A 264 -18.57 8.96 16.15
C LEU A 264 -17.18 8.39 16.38
N ALA A 265 -17.08 7.05 16.28
CA ALA A 265 -15.81 6.36 16.44
C ALA A 265 -14.83 6.77 15.35
N LYS A 266 -15.31 6.86 14.12
CA LYS A 266 -14.49 7.34 13.01
C LYS A 266 -14.05 8.78 13.26
N ALA A 267 -14.99 9.61 13.70
CA ALA A 267 -14.71 11.02 13.98
C ALA A 267 -13.66 11.16 15.08
N ALA A 268 -13.80 10.37 16.14
CA ALA A 268 -12.86 10.40 17.25
C ALA A 268 -11.48 9.92 16.80
N TYR A 269 -11.48 8.97 15.87
CA TYR A 269 -10.23 8.43 15.33
C TYR A 269 -9.46 9.49 14.55
N TYR A 270 -10.19 10.29 13.77
CA TYR A 270 -9.57 11.38 13.00
C TYR A 270 -9.08 12.48 13.92
N SER A 271 -9.87 12.78 14.95
CA SER A 271 -9.60 13.92 15.83
C SER A 271 -8.60 13.60 16.94
N GLY A 272 -8.38 12.31 17.19
CA GLY A 272 -7.53 11.90 18.30
C GLY A 272 -8.17 12.18 19.64
N THR A 273 -9.48 11.94 19.75
CA THR A 273 -10.20 12.12 20.99
C THR A 273 -10.92 10.83 21.37
N THR A 274 -11.65 10.85 22.48
CA THR A 274 -12.53 9.74 22.82
C THR A 274 -13.89 9.96 22.16
N VAL A 275 -14.66 8.89 22.03
CA VAL A 275 -15.98 8.97 21.41
C VAL A 275 -16.94 9.87 22.20
N GLU A 276 -16.81 9.87 23.52
CA GLU A 276 -17.67 10.69 24.37
C GLU A 276 -17.42 12.18 24.16
N GLU A 277 -16.16 12.55 23.95
CA GLU A 277 -15.79 13.94 23.70
C GLU A 277 -16.22 14.38 22.32
N ALA A 278 -16.16 13.46 21.35
CA ALA A 278 -16.63 13.76 20.00
C ALA A 278 -18.13 14.02 20.04
N TYR A 279 -18.84 13.20 20.80
CA TYR A 279 -20.28 13.36 20.97
C TYR A 279 -20.59 14.63 21.76
N LYS A 280 -19.72 14.94 22.72
CA LYS A 280 -19.88 16.14 23.54
C LYS A 280 -19.58 17.39 22.71
N LEU A 281 -18.66 17.26 21.76
CA LEU A 281 -18.31 18.36 20.87
C LEU A 281 -19.46 18.66 19.91
N ALA A 282 -20.08 17.61 19.40
CA ALA A 282 -21.23 17.74 18.50
C ALA A 282 -22.39 18.47 19.18
N LEU A 283 -22.57 18.20 20.47
CA LEU A 283 -23.61 18.87 21.24
C LEU A 283 -23.26 20.34 21.46
N LYS A 284 -21.98 20.58 21.78
CA LYS A 284 -21.51 21.94 22.02
C LYS A 284 -21.65 22.79 20.76
N LEU A 285 -21.41 22.18 19.60
CA LEU A 285 -21.51 22.90 18.33
C LEU A 285 -22.93 22.86 17.77
N GLY A 286 -23.77 22.02 18.37
CA GLY A 286 -25.16 21.90 17.96
C GLY A 286 -25.33 21.29 16.58
N ILE A 287 -24.48 20.32 16.26
CA ILE A 287 -24.52 19.65 14.96
C ILE A 287 -24.74 18.15 15.10
N SER A 288 -25.02 17.49 13.99
CA SER A 288 -25.29 16.05 13.98
C SER A 288 -24.01 15.24 13.93
N VAL A 289 -24.13 13.93 14.12
CA VAL A 289 -22.98 13.03 14.10
C VAL A 289 -22.37 12.97 12.70
N GLU A 290 -23.24 12.94 11.68
CA GLU A 290 -22.79 12.98 10.29
C GLU A 290 -21.98 14.23 9.98
N GLU A 291 -22.44 15.36 10.49
CA GLU A 291 -21.76 16.63 10.27
C GLU A 291 -20.43 16.66 11.01
N LEU A 292 -20.40 16.04 12.18
CA LEU A 292 -19.17 15.99 12.98
C LEU A 292 -18.09 15.18 12.27
N LEU A 293 -18.50 14.06 11.67
CA LEU A 293 -17.58 13.18 10.95
C LEU A 293 -16.95 13.90 9.76
N LYS A 294 -17.77 14.64 9.01
CA LYS A 294 -17.28 15.41 7.88
C LYS A 294 -16.33 16.52 8.34
N LEU A 295 -16.63 17.10 9.51
CA LEU A 295 -15.78 18.11 10.10
C LEU A 295 -14.46 17.51 10.53
N ALA A 296 -14.53 16.30 11.10
CA ALA A 296 -13.35 15.57 11.52
C ALA A 296 -12.45 15.26 10.33
N LYS A 297 -13.06 14.91 9.20
CA LYS A 297 -12.30 14.66 7.97
C LYS A 297 -11.67 15.94 7.46
N ALA A 298 -12.42 17.03 7.52
CA ALA A 298 -11.94 18.32 7.05
C ALA A 298 -10.78 18.83 7.90
N ALA A 299 -10.90 18.66 9.21
CA ALA A 299 -9.86 19.06 10.15
C ALA A 299 -8.59 18.25 9.94
N TYR A 300 -8.75 17.02 9.47
CA TYR A 300 -7.61 16.14 9.21
C TYR A 300 -6.86 16.59 7.95
N TYR A 301 -7.60 17.01 6.93
CA TYR A 301 -7.01 17.50 5.70
C TYR A 301 -6.32 18.85 5.90
N SER A 302 -6.77 19.59 6.92
CA SER A 302 -6.33 20.97 7.13
C SER A 302 -5.24 21.07 8.18
N GLY A 303 -5.08 20.03 8.99
CA GLY A 303 -4.12 20.05 10.06
C GLY A 303 -4.59 20.94 11.20
N THR A 304 -5.91 20.97 11.40
CA THR A 304 -6.52 21.74 12.47
C THR A 304 -7.34 20.85 13.38
N THR A 305 -7.94 21.44 14.41
CA THR A 305 -8.83 20.71 15.29
C THR A 305 -10.25 20.78 14.72
N VAL A 306 -11.15 19.97 15.27
CA VAL A 306 -12.52 19.92 14.77
C VAL A 306 -13.27 21.22 14.99
N GLU A 307 -13.10 21.81 16.17
CA GLU A 307 -13.76 23.07 16.48
C GLU A 307 -13.18 24.21 15.65
N GLU A 308 -11.87 24.16 15.42
CA GLU A 308 -11.21 25.12 14.54
C GLU A 308 -11.78 25.04 13.14
N ALA A 309 -12.00 23.82 12.66
CA ALA A 309 -12.57 23.61 11.34
C ALA A 309 -14.01 24.14 11.29
N TYR A 310 -14.71 24.04 12.41
CA TYR A 310 -16.10 24.52 12.48
C TYR A 310 -16.18 26.03 12.45
N LYS A 311 -15.26 26.69 13.16
CA LYS A 311 -15.19 28.15 13.16
C LYS A 311 -14.82 28.65 11.77
N LEU A 312 -14.05 27.84 11.05
CA LEU A 312 -13.64 28.15 9.69
C LEU A 312 -14.83 28.16 8.75
N ALA A 313 -15.72 27.18 8.91
CA ALA A 313 -16.92 27.08 8.08
C ALA A 313 -17.85 28.25 8.36
N LEU A 314 -17.93 28.63 9.63
CA LEU A 314 -18.75 29.78 10.04
C LEU A 314 -18.19 31.08 9.49
N LYS A 315 -16.87 31.21 9.52
CA LYS A 315 -16.21 32.43 9.05
C LYS A 315 -16.41 32.62 7.55
N LEU A 316 -16.32 31.52 6.79
CA LEU A 316 -16.45 31.60 5.34
C LEU A 316 -17.91 31.54 4.90
N GLY A 317 -18.80 31.26 5.85
CA GLY A 317 -20.23 31.21 5.58
C GLY A 317 -20.65 30.04 4.70
N ILE A 318 -19.93 28.94 4.81
CA ILE A 318 -20.24 27.74 4.02
C ILE A 318 -20.70 26.59 4.89
N SER A 319 -21.25 25.55 4.26
CA SER A 319 -21.72 24.38 4.98
C SER A 319 -20.57 23.44 5.33
N VAL A 320 -20.84 22.45 6.18
CA VAL A 320 -19.84 21.47 6.57
C VAL A 320 -19.34 20.68 5.36
N GLU A 321 -20.25 20.38 4.44
CA GLU A 321 -19.90 19.71 3.18
C GLU A 321 -18.96 20.53 2.31
N GLU A 322 -19.28 21.81 2.18
CA GLU A 322 -18.48 22.71 1.35
C GLU A 322 -17.08 22.86 1.93
N LEU A 323 -16.99 22.89 3.26
CA LEU A 323 -15.70 22.98 3.93
C LEU A 323 -14.84 21.76 3.64
N LEU A 324 -15.44 20.58 3.71
CA LEU A 324 -14.72 19.33 3.49
C LEU A 324 -14.15 19.27 2.07
N LYS A 325 -14.94 19.70 1.09
CA LYS A 325 -14.48 19.75 -0.29
C LYS A 325 -13.38 20.80 -0.44
N LEU A 326 -13.54 21.92 0.28
CA LEU A 326 -12.58 23.00 0.24
C LEU A 326 -11.28 22.59 0.92
N ALA A 327 -11.41 21.80 1.99
CA ALA A 327 -10.24 21.30 2.73
C ALA A 327 -9.40 20.36 1.87
N GLU A 328 -10.05 19.53 1.08
CA GLU A 328 -9.35 18.63 0.17
C GLU A 328 -8.68 19.40 -0.96
N ALA A 329 -9.38 20.41 -1.47
CA ALA A 329 -8.84 21.25 -2.54
C ALA A 329 -7.59 21.99 -2.08
N ALA A 330 -7.61 22.42 -0.82
CA ALA A 330 -6.46 23.12 -0.23
C ALA A 330 -5.31 22.13 -0.06
N TYR A 331 -5.66 20.90 0.29
CA TYR A 331 -4.68 19.85 0.48
C TYR A 331 -4.01 19.47 -0.84
N TYR A 332 -4.78 19.49 -1.92
CA TYR A 332 -4.25 19.16 -3.24
C TYR A 332 -3.35 20.27 -3.78
N SER A 333 -3.53 21.48 -3.26
CA SER A 333 -2.81 22.64 -3.77
C SER A 333 -1.62 23.02 -2.90
N GLY A 334 -1.63 22.55 -1.66
CA GLY A 334 -0.58 22.91 -0.71
C GLY A 334 -0.87 24.26 -0.08
N THR A 335 -2.09 24.74 -0.26
CA THR A 335 -2.51 26.02 0.30
C THR A 335 -3.38 25.84 1.55
N THR A 336 -3.73 26.96 2.18
CA THR A 336 -4.66 26.94 3.31
C THR A 336 -6.09 26.98 2.80
N VAL A 337 -7.04 26.71 3.69
CA VAL A 337 -8.46 26.70 3.31
C VAL A 337 -8.95 28.08 2.85
N GLU A 338 -8.40 29.14 3.43
CA GLU A 338 -8.80 30.49 3.05
C GLU A 338 -8.14 30.94 1.75
N GLU A 339 -6.95 30.42 1.47
CA GLU A 339 -6.30 30.74 0.21
C GLU A 339 -7.04 30.06 -0.93
N ALA A 340 -7.49 28.83 -0.69
CA ALA A 340 -8.28 28.09 -1.67
C ALA A 340 -9.64 28.76 -1.90
N TYR A 341 -10.20 29.33 -0.84
CA TYR A 341 -11.50 29.99 -0.93
C TYR A 341 -11.40 31.32 -1.65
N LYS A 342 -10.30 32.03 -1.41
CA LYS A 342 -10.06 33.31 -2.05
C LYS A 342 -9.89 33.15 -3.55
N LEU A 343 -9.26 32.04 -3.95
CA LEU A 343 -9.06 31.74 -5.36
C LEU A 343 -10.36 31.37 -6.05
N ALA A 344 -11.18 30.56 -5.37
CA ALA A 344 -12.51 30.22 -5.85
C ALA A 344 -13.35 31.47 -6.06
N LEU A 345 -13.15 32.46 -5.19
CA LEU A 345 -13.87 33.71 -5.27
C LEU A 345 -13.37 34.57 -6.42
N LYS A 346 -12.05 34.54 -6.63
CA LYS A 346 -11.44 35.31 -7.71
C LYS A 346 -11.81 34.72 -9.09
N LEU A 347 -11.93 33.41 -9.15
CA LEU A 347 -12.22 32.73 -10.41
C LEU A 347 -13.72 32.65 -10.68
N GLY A 348 -14.52 32.91 -9.65
CA GLY A 348 -15.98 32.89 -9.80
C GLY A 348 -16.53 31.49 -9.97
N ILE A 349 -15.85 30.51 -9.38
CA ILE A 349 -16.28 29.11 -9.49
C ILE A 349 -16.80 28.57 -8.16
N SER A 350 -17.49 27.43 -8.22
CA SER A 350 -18.03 26.80 -7.03
C SER A 350 -16.93 26.00 -6.31
N VAL A 351 -17.25 25.52 -5.11
CA VAL A 351 -16.30 24.75 -4.33
C VAL A 351 -16.00 23.39 -4.96
N GLU A 352 -17.03 22.79 -5.55
CA GLU A 352 -16.87 21.50 -6.23
C GLU A 352 -16.00 21.62 -7.48
N GLU A 353 -16.13 22.75 -8.17
CA GLU A 353 -15.31 23.01 -9.35
C GLU A 353 -13.85 23.26 -8.97
N LEU A 354 -13.64 23.90 -7.82
CA LEU A 354 -12.30 24.14 -7.31
C LEU A 354 -11.61 22.83 -6.99
N LEU A 355 -12.35 21.92 -6.35
CA LEU A 355 -11.80 20.62 -5.96
C LEU A 355 -11.36 19.83 -7.19
N LYS A 356 -12.17 19.89 -8.25
CA LYS A 356 -11.81 19.24 -9.51
C LYS A 356 -10.60 19.92 -10.14
N LEU A 357 -10.55 21.25 -10.03
CA LEU A 357 -9.42 22.02 -10.55
C LEU A 357 -8.14 21.71 -9.77
N ALA A 358 -8.29 21.49 -8.46
CA ALA A 358 -7.15 21.21 -7.61
C ALA A 358 -6.56 19.84 -7.92
N LYS A 359 -7.44 18.88 -8.21
CA LYS A 359 -7.00 17.54 -8.60
C LYS A 359 -6.33 17.58 -9.97
N ALA A 360 -6.89 18.37 -10.88
CA ALA A 360 -6.31 18.55 -12.21
C ALA A 360 -4.93 19.20 -12.12
N ALA A 361 -4.83 20.23 -11.29
CA ALA A 361 -3.57 20.92 -11.07
C ALA A 361 -2.53 20.00 -10.43
N TYR A 362 -2.99 19.06 -9.62
CA TYR A 362 -2.11 18.10 -8.96
C TYR A 362 -1.62 17.04 -9.94
N TYR A 363 -2.44 16.69 -10.90
CA TYR A 363 -2.14 15.65 -11.85
C TYR A 363 -1.23 16.12 -12.93
N SER A 364 -1.29 17.39 -13.23
CA SER A 364 -0.48 17.94 -14.27
C SER A 364 0.71 18.68 -13.74
N GLY A 365 0.78 18.84 -12.45
CA GLY A 365 1.86 19.55 -11.84
C GLY A 365 1.83 21.03 -12.07
N THR A 366 0.69 21.66 -11.94
CA THR A 366 0.60 23.09 -12.08
C THR A 366 -0.11 23.69 -10.90
N THR A 367 -0.50 24.94 -11.04
CA THR A 367 -1.22 25.64 -10.01
C THR A 367 -2.66 25.64 -10.43
N VAL A 368 -3.54 25.65 -9.46
CA VAL A 368 -4.97 25.64 -9.74
C VAL A 368 -5.34 26.75 -10.72
N GLU A 369 -4.77 27.93 -10.50
CA GLU A 369 -5.00 29.08 -11.36
C GLU A 369 -4.48 28.83 -12.79
N GLU A 370 -3.32 28.18 -12.88
CA GLU A 370 -2.73 27.82 -14.17
C GLU A 370 -3.63 26.85 -14.93
N ALA A 371 -4.19 25.88 -14.20
CA ALA A 371 -5.09 24.89 -14.79
C ALA A 371 -6.38 25.55 -15.28
N TYR A 372 -6.87 26.54 -14.54
CA TYR A 372 -8.09 27.24 -14.91
C TYR A 372 -7.89 28.05 -16.19
N LYS A 373 -6.76 28.74 -16.28
CA LYS A 373 -6.44 29.54 -17.46
C LYS A 373 -6.31 28.64 -18.69
N LEU A 374 -5.83 27.43 -18.46
CA LEU A 374 -5.68 26.44 -19.53
C LEU A 374 -7.03 25.98 -20.05
N ALA A 375 -7.94 25.68 -19.14
CA ALA A 375 -9.30 25.26 -19.49
C ALA A 375 -10.01 26.33 -20.33
N LEU A 376 -9.79 27.60 -19.99
CA LEU A 376 -10.39 28.71 -20.71
C LEU A 376 -9.81 28.85 -22.11
N LYS A 377 -8.51 28.59 -22.23
CA LYS A 377 -7.82 28.71 -23.51
C LYS A 377 -8.28 27.62 -24.46
N LEU A 378 -8.56 26.45 -23.91
CA LEU A 378 -8.98 25.30 -24.70
C LEU A 378 -10.45 25.43 -25.11
N GLY A 379 -11.14 26.40 -24.52
CA GLY A 379 -12.46 26.81 -24.97
C GLY A 379 -13.63 25.94 -24.54
N ILE B 8 10.86 -17.10 29.34
CA ILE B 8 11.75 -16.80 28.22
C ILE B 8 12.16 -15.32 28.26
N SER B 9 13.12 -14.96 27.43
CA SER B 9 13.59 -13.58 27.38
C SER B 9 12.64 -12.74 26.53
N VAL B 10 12.75 -11.43 26.64
CA VAL B 10 11.90 -10.53 25.89
C VAL B 10 12.22 -10.67 24.40
N GLU B 11 13.50 -10.91 24.11
CA GLU B 11 13.96 -11.10 22.75
C GLU B 11 13.38 -12.38 22.14
N GLU B 12 13.28 -13.43 22.94
CA GLU B 12 12.72 -14.69 22.48
C GLU B 12 11.21 -14.58 22.31
N LEU B 13 10.57 -13.82 23.19
CA LEU B 13 9.13 -13.63 23.14
C LEU B 13 8.70 -12.87 21.87
N LEU B 14 9.50 -11.87 21.50
CA LEU B 14 9.22 -11.07 20.31
C LEU B 14 9.25 -11.96 19.06
N LYS B 15 10.22 -12.87 19.03
CA LYS B 15 10.34 -13.79 17.89
C LYS B 15 9.22 -14.83 17.92
N LEU B 16 8.86 -15.28 19.11
CA LEU B 16 7.73 -16.20 19.28
C LEU B 16 6.42 -15.57 18.85
N ALA B 17 6.23 -14.30 19.23
CA ALA B 17 5.01 -13.58 18.88
C ALA B 17 4.95 -13.33 17.38
N LYS B 18 6.12 -13.10 16.78
CA LYS B 18 6.23 -12.93 15.34
C LYS B 18 5.93 -14.24 14.65
N ALA B 19 6.43 -15.34 15.22
CA ALA B 19 6.19 -16.67 14.68
C ALA B 19 4.72 -17.05 14.78
N ALA B 20 4.11 -16.70 15.92
CA ALA B 20 2.71 -16.98 16.17
C ALA B 20 1.81 -16.19 15.22
N TYR B 21 2.30 -15.03 14.78
CA TYR B 21 1.55 -14.17 13.87
C TYR B 21 1.54 -14.71 12.45
N TYR B 22 2.69 -15.24 12.03
CA TYR B 22 2.81 -15.83 10.69
C TYR B 22 2.01 -17.12 10.58
N SER B 23 1.95 -17.86 11.68
CA SER B 23 1.37 -19.20 11.67
C SER B 23 -0.06 -19.25 12.21
N GLY B 24 -0.60 -18.08 12.55
CA GLY B 24 -1.97 -17.99 13.03
C GLY B 24 -2.27 -18.74 14.32
N THR B 25 -1.27 -18.80 15.20
CA THR B 25 -1.44 -19.45 16.49
C THR B 25 -1.18 -18.48 17.63
N THR B 26 -1.02 -19.01 18.85
CA THR B 26 -0.67 -18.19 20.00
C THR B 26 0.79 -18.39 20.35
N VAL B 27 1.33 -17.48 21.15
CA VAL B 27 2.73 -17.52 21.55
C VAL B 27 3.04 -18.83 22.26
N GLU B 28 2.18 -19.21 23.19
CA GLU B 28 2.36 -20.42 23.97
C GLU B 28 2.18 -21.68 23.13
N GLU B 29 1.28 -21.62 22.14
CA GLU B 29 1.11 -22.73 21.21
C GLU B 29 2.34 -22.88 20.32
N ALA B 30 2.92 -21.75 19.95
CA ALA B 30 4.14 -21.74 19.12
C ALA B 30 5.33 -22.25 19.92
N TYR B 31 5.40 -21.86 21.19
CA TYR B 31 6.48 -22.29 22.06
C TYR B 31 6.41 -23.78 22.30
N LYS B 32 5.20 -24.30 22.45
CA LYS B 32 4.99 -25.72 22.70
C LYS B 32 5.31 -26.56 21.47
N LEU B 33 5.15 -25.96 20.30
CA LEU B 33 5.53 -26.61 19.05
C LEU B 33 7.03 -26.75 18.92
N ALA B 34 7.76 -25.69 19.25
CA ALA B 34 9.22 -25.69 19.19
C ALA B 34 9.83 -26.71 20.14
N LEU B 35 9.19 -26.94 21.28
CA LEU B 35 9.67 -27.90 22.26
C LEU B 35 9.43 -29.33 21.76
N LYS B 36 8.26 -29.53 21.18
CA LYS B 36 7.82 -30.84 20.71
C LYS B 36 8.57 -31.24 19.44
N LEU B 37 9.03 -30.25 18.68
CA LEU B 37 9.81 -30.52 17.47
C LEU B 37 11.30 -30.50 17.78
N GLY B 38 11.65 -30.10 19.00
CA GLY B 38 13.04 -30.05 19.42
C GLY B 38 13.85 -28.99 18.71
N ILE B 39 13.22 -27.87 18.37
CA ILE B 39 13.89 -26.79 17.68
C ILE B 39 13.90 -25.50 18.50
N SER B 40 14.70 -24.54 18.06
CA SER B 40 14.84 -23.27 18.76
C SER B 40 13.79 -22.26 18.31
N VAL B 41 13.74 -21.13 18.98
CA VAL B 41 12.80 -20.06 18.64
C VAL B 41 13.16 -19.48 17.28
N GLU B 42 14.46 -19.36 17.03
CA GLU B 42 14.96 -18.81 15.77
C GLU B 42 14.59 -19.70 14.59
N GLU B 43 14.69 -21.01 14.78
CA GLU B 43 14.31 -21.96 13.73
C GLU B 43 12.80 -21.96 13.52
N LEU B 44 12.05 -21.82 14.62
CA LEU B 44 10.60 -21.80 14.56
C LEU B 44 10.10 -20.63 13.73
N LEU B 45 10.69 -19.46 13.97
CA LEU B 45 10.36 -18.25 13.23
C LEU B 45 10.61 -18.43 11.73
N LYS B 46 11.77 -18.99 11.40
CA LYS B 46 12.11 -19.28 10.00
C LYS B 46 11.14 -20.29 9.40
N LEU B 47 10.75 -21.27 10.22
CA LEU B 47 9.77 -22.27 9.82
C LEU B 47 8.38 -21.68 9.61
N ALA B 48 7.97 -20.82 10.55
CA ALA B 48 6.67 -20.17 10.47
C ALA B 48 6.60 -19.26 9.25
N GLU B 49 7.73 -18.64 8.92
CA GLU B 49 7.81 -17.78 7.75
C GLU B 49 7.78 -18.60 6.48
N ALA B 50 8.38 -19.79 6.53
CA ALA B 50 8.37 -20.71 5.40
C ALA B 50 6.98 -21.27 5.16
N ALA B 51 6.30 -21.63 6.26
CA ALA B 51 4.95 -22.15 6.20
C ALA B 51 3.99 -21.09 5.65
N TYR B 52 4.27 -19.83 5.96
CA TYR B 52 3.46 -18.71 5.47
C TYR B 52 3.61 -18.53 3.97
N TYR B 53 4.82 -18.74 3.46
CA TYR B 53 5.08 -18.59 2.03
C TYR B 53 4.44 -19.73 1.23
N SER B 54 4.42 -20.92 1.81
CA SER B 54 3.99 -22.12 1.08
C SER B 54 2.55 -22.52 1.37
N GLY B 55 1.90 -21.78 2.27
CA GLY B 55 0.49 -22.03 2.58
C GLY B 55 0.24 -23.31 3.36
N THR B 56 1.21 -23.69 4.18
CA THR B 56 1.07 -24.88 5.02
C THR B 56 1.17 -24.51 6.49
N THR B 57 1.17 -25.51 7.36
CA THR B 57 1.37 -25.28 8.78
C THR B 57 2.86 -25.38 9.11
N VAL B 58 3.24 -25.00 10.32
CA VAL B 58 4.64 -25.02 10.72
C VAL B 58 5.18 -26.45 10.80
N GLU B 59 4.34 -27.37 11.25
CA GLU B 59 4.76 -28.75 11.39
C GLU B 59 4.82 -29.48 10.05
N GLU B 60 3.91 -29.13 9.15
CA GLU B 60 3.94 -29.68 7.80
C GLU B 60 5.21 -29.23 7.09
N ALA B 61 5.59 -27.98 7.35
CA ALA B 61 6.80 -27.43 6.76
C ALA B 61 8.05 -28.10 7.34
N TYR B 62 8.02 -28.41 8.63
CA TYR B 62 9.15 -29.06 9.28
C TYR B 62 9.30 -30.50 8.83
N LYS B 63 8.17 -31.20 8.70
CA LYS B 63 8.16 -32.58 8.20
C LYS B 63 8.65 -32.61 6.76
N LEU B 64 8.31 -31.57 6.02
CA LEU B 64 8.70 -31.44 4.61
C LEU B 64 10.22 -31.27 4.49
N ALA B 65 10.79 -30.47 5.39
CA ALA B 65 12.23 -30.24 5.40
C ALA B 65 12.98 -31.50 5.81
N LEU B 66 12.41 -32.25 6.74
CA LEU B 66 13.01 -33.49 7.22
C LEU B 66 12.98 -34.54 6.12
N LYS B 67 11.91 -34.56 5.34
CA LYS B 67 11.75 -35.52 4.26
C LYS B 67 12.74 -35.26 3.12
N LEU B 68 12.96 -33.98 2.82
CA LEU B 68 13.85 -33.62 1.73
C LEU B 68 15.31 -33.63 2.18
N GLY B 69 15.52 -33.71 3.48
CA GLY B 69 16.87 -33.76 4.03
C GLY B 69 17.58 -32.41 3.96
N ILE B 70 16.80 -31.34 4.06
CA ILE B 70 17.36 -29.99 4.01
C ILE B 70 17.21 -29.28 5.34
N SER B 71 17.91 -28.16 5.49
CA SER B 71 17.85 -27.38 6.72
C SER B 71 16.64 -26.45 6.71
N VAL B 72 16.36 -25.85 7.87
CA VAL B 72 15.27 -24.89 7.99
C VAL B 72 15.59 -23.66 7.13
N GLU B 73 16.87 -23.31 7.07
CA GLU B 73 17.32 -22.16 6.29
C GLU B 73 17.11 -22.38 4.79
N GLU B 74 17.42 -23.58 4.31
CA GLU B 74 17.20 -23.90 2.90
C GLU B 74 15.72 -23.98 2.57
N LEU B 75 14.93 -24.47 3.52
CA LEU B 75 13.50 -24.59 3.32
C LEU B 75 12.82 -23.24 3.11
N LEU B 76 13.25 -22.25 3.90
CA LEU B 76 12.67 -20.91 3.80
C LEU B 76 13.00 -20.28 2.45
N LYS B 77 14.22 -20.52 1.98
CA LYS B 77 14.65 -20.00 0.67
C LYS B 77 13.89 -20.73 -0.43
N LEU B 78 13.62 -22.01 -0.19
CA LEU B 78 12.90 -22.86 -1.13
C LEU B 78 11.43 -22.44 -1.17
N ALA B 79 10.90 -22.06 -0.01
CA ALA B 79 9.54 -21.58 0.11
C ALA B 79 9.34 -20.27 -0.66
N LYS B 80 10.36 -19.41 -0.62
CA LYS B 80 10.30 -18.15 -1.35
C LYS B 80 10.36 -18.41 -2.85
N ALA B 81 11.22 -19.36 -3.25
CA ALA B 81 11.36 -19.72 -4.65
C ALA B 81 10.05 -20.29 -5.18
N ALA B 82 9.39 -21.11 -4.37
CA ALA B 82 8.11 -21.70 -4.75
C ALA B 82 7.02 -20.63 -4.85
N TYR B 83 7.08 -19.66 -3.96
CA TYR B 83 6.14 -18.55 -3.95
C TYR B 83 6.26 -17.70 -5.21
N TYR B 84 7.49 -17.39 -5.60
CA TYR B 84 7.74 -16.59 -6.80
C TYR B 84 7.38 -17.34 -8.07
N SER B 85 7.50 -18.66 -8.05
CA SER B 85 7.31 -19.46 -9.26
C SER B 85 5.89 -19.99 -9.43
N GLY B 86 5.11 -20.01 -8.35
CA GLY B 86 3.75 -20.50 -8.41
C GLY B 86 3.68 -22.01 -8.28
N THR B 87 4.78 -22.61 -7.84
CA THR B 87 4.85 -24.05 -7.65
C THR B 87 4.85 -24.38 -6.16
N THR B 88 4.92 -25.66 -5.83
CA THR B 88 5.03 -26.08 -4.44
C THR B 88 6.51 -26.17 -4.08
N VAL B 89 6.78 -26.29 -2.78
CA VAL B 89 8.15 -26.37 -2.28
C VAL B 89 8.86 -27.58 -2.87
N GLU B 90 8.13 -28.70 -2.96
CA GLU B 90 8.68 -29.96 -3.45
C GLU B 90 9.00 -29.91 -4.95
N GLU B 91 8.14 -29.28 -5.73
CA GLU B 91 8.38 -29.12 -7.16
C GLU B 91 9.59 -28.24 -7.44
N ALA B 92 9.75 -27.18 -6.65
CA ALA B 92 10.88 -26.29 -6.77
C ALA B 92 12.19 -27.01 -6.43
N TYR B 93 12.13 -27.88 -5.43
CA TYR B 93 13.30 -28.62 -4.98
C TYR B 93 13.71 -29.69 -6.00
N LYS B 94 12.70 -30.33 -6.59
CA LYS B 94 12.93 -31.34 -7.62
C LYS B 94 13.56 -30.70 -8.85
N LEU B 95 13.18 -29.45 -9.11
CA LEU B 95 13.72 -28.69 -10.24
C LEU B 95 15.17 -28.32 -9.99
N ALA B 96 15.48 -27.91 -8.76
CA ALA B 96 16.85 -27.61 -8.37
C ALA B 96 17.74 -28.84 -8.51
N LEU B 97 17.16 -30.01 -8.25
CA LEU B 97 17.89 -31.27 -8.37
C LEU B 97 18.15 -31.62 -9.83
N LYS B 98 17.15 -31.41 -10.67
CA LYS B 98 17.25 -31.75 -12.08
C LYS B 98 18.23 -30.86 -12.84
N LEU B 99 18.28 -29.58 -12.49
CA LEU B 99 19.15 -28.64 -13.18
C LEU B 99 20.54 -28.61 -12.57
N GLY B 100 20.67 -29.22 -11.38
CA GLY B 100 21.95 -29.29 -10.70
C GLY B 100 22.41 -27.95 -10.17
N ILE B 101 21.49 -27.19 -9.60
CA ILE B 101 21.81 -25.89 -9.01
C ILE B 101 21.48 -25.89 -7.54
N SER B 102 22.01 -24.91 -6.81
CA SER B 102 21.72 -24.79 -5.39
C SER B 102 20.38 -24.10 -5.18
N VAL B 103 19.86 -24.15 -3.95
CA VAL B 103 18.60 -23.50 -3.63
C VAL B 103 18.78 -21.99 -3.64
N GLU B 104 20.02 -21.53 -3.43
CA GLU B 104 20.31 -20.11 -3.45
C GLU B 104 20.26 -19.57 -4.88
N GLU B 105 20.70 -20.37 -5.83
CA GLU B 105 20.59 -20.01 -7.24
C GLU B 105 19.16 -20.17 -7.74
N LEU B 106 18.45 -21.14 -7.19
CA LEU B 106 17.05 -21.36 -7.55
C LEU B 106 16.20 -20.17 -7.17
N LEU B 107 16.45 -19.63 -5.98
CA LEU B 107 15.72 -18.46 -5.50
C LEU B 107 15.98 -17.25 -6.39
N LYS B 108 17.22 -17.09 -6.82
CA LYS B 108 17.58 -16.03 -7.75
C LYS B 108 16.93 -16.23 -9.10
N LEU B 109 16.90 -17.48 -9.56
CA LEU B 109 16.23 -17.83 -10.81
C LEU B 109 14.74 -17.60 -10.75
N ALA B 110 14.13 -17.89 -9.60
CA ALA B 110 12.70 -17.74 -9.41
C ALA B 110 12.30 -16.27 -9.41
N LYS B 111 13.14 -15.43 -8.80
CA LYS B 111 12.92 -14.00 -8.80
C LYS B 111 13.09 -13.45 -10.20
N ALA B 112 14.07 -13.99 -10.93
CA ALA B 112 14.31 -13.59 -12.30
C ALA B 112 13.12 -13.95 -13.18
N ALA B 113 12.60 -15.16 -13.01
CA ALA B 113 11.45 -15.64 -13.76
C ALA B 113 10.19 -14.80 -13.46
N TYR B 114 10.08 -14.33 -12.22
CA TYR B 114 8.93 -13.52 -11.81
C TYR B 114 8.96 -12.15 -12.46
N TYR B 115 10.14 -11.54 -12.52
CA TYR B 115 10.30 -10.23 -13.14
C TYR B 115 10.14 -10.31 -14.66
N SER B 116 10.20 -11.53 -15.19
CA SER B 116 10.20 -11.73 -16.64
C SER B 116 8.90 -12.35 -17.14
N GLY B 117 8.09 -12.87 -16.23
CA GLY B 117 6.87 -13.56 -16.60
C GLY B 117 7.16 -14.84 -17.35
N THR B 118 8.25 -15.50 -16.97
CA THR B 118 8.63 -16.78 -17.56
C THR B 118 8.68 -17.85 -16.48
N THR B 119 9.05 -19.07 -16.88
CA THR B 119 9.24 -20.16 -15.92
C THR B 119 10.70 -20.20 -15.48
N VAL B 120 10.94 -20.85 -14.34
CA VAL B 120 12.30 -20.98 -13.81
C VAL B 120 13.27 -21.61 -14.82
N GLU B 121 12.85 -22.70 -15.45
CA GLU B 121 13.71 -23.40 -16.40
C GLU B 121 13.93 -22.60 -17.68
N GLU B 122 12.91 -21.85 -18.10
CA GLU B 122 13.06 -20.96 -19.25
C GLU B 122 14.13 -19.90 -18.95
N ALA B 123 14.11 -19.39 -17.73
CA ALA B 123 15.10 -18.40 -17.30
C ALA B 123 16.49 -19.04 -17.24
N TYR B 124 16.55 -20.31 -16.86
CA TYR B 124 17.80 -21.04 -16.78
C TYR B 124 18.38 -21.32 -18.16
N LYS B 125 17.51 -21.70 -19.10
CA LYS B 125 17.93 -21.95 -20.48
C LYS B 125 18.41 -20.68 -21.15
N LEU B 126 17.78 -19.56 -20.79
CA LEU B 126 18.15 -18.26 -21.35
C LEU B 126 19.50 -17.81 -20.84
N ALA B 127 19.73 -17.97 -19.54
CA ALA B 127 21.01 -17.63 -18.92
C ALA B 127 22.15 -18.42 -19.56
N LEU B 128 21.89 -19.69 -19.88
CA LEU B 128 22.88 -20.54 -20.53
C LEU B 128 23.09 -20.11 -21.98
N LYS B 129 22.00 -19.70 -22.63
CA LYS B 129 22.06 -19.26 -24.02
C LYS B 129 22.87 -17.98 -24.17
N LEU B 130 22.56 -16.99 -23.34
CA LEU B 130 23.26 -15.70 -23.38
C LEU B 130 24.67 -15.81 -22.82
N GLY B 131 24.97 -16.94 -22.19
CA GLY B 131 26.28 -17.16 -21.59
C GLY B 131 26.52 -16.23 -20.42
N ILE B 132 25.50 -16.10 -19.57
CA ILE B 132 25.59 -15.22 -18.40
C ILE B 132 25.29 -16.00 -17.13
N SER B 133 25.69 -15.44 -15.99
CA SER B 133 25.44 -16.08 -14.71
C SER B 133 24.00 -15.85 -14.24
N VAL B 134 23.61 -16.58 -13.21
CA VAL B 134 22.29 -16.42 -12.61
C VAL B 134 22.19 -15.03 -11.99
N GLU B 135 23.30 -14.56 -11.44
CA GLU B 135 23.37 -13.26 -10.80
C GLU B 135 23.17 -12.13 -11.82
N GLU B 136 23.75 -12.29 -13.01
CA GLU B 136 23.60 -11.30 -14.06
C GLU B 136 22.19 -11.33 -14.66
N LEU B 137 21.63 -12.53 -14.76
CA LEU B 137 20.30 -12.72 -15.29
C LEU B 137 19.26 -12.01 -14.43
N LEU B 138 19.45 -12.07 -13.12
CA LEU B 138 18.54 -11.44 -12.17
C LEU B 138 18.54 -9.92 -12.36
N LYS B 139 19.72 -9.34 -12.53
CA LYS B 139 19.85 -7.91 -12.80
C LYS B 139 19.21 -7.56 -14.14
N LEU B 140 19.45 -8.40 -15.14
CA LEU B 140 18.83 -8.22 -16.46
C LEU B 140 17.32 -8.25 -16.37
N ALA B 141 16.80 -9.19 -15.58
CA ALA B 141 15.35 -9.33 -15.38
C ALA B 141 14.77 -8.07 -14.72
N GLU B 142 15.47 -7.55 -13.72
CA GLU B 142 15.05 -6.33 -13.06
C GLU B 142 15.15 -5.16 -14.03
N ALA B 143 16.22 -5.16 -14.83
CA ALA B 143 16.40 -4.13 -15.85
C ALA B 143 15.28 -4.19 -16.89
N ALA B 144 14.94 -5.41 -17.32
CA ALA B 144 13.88 -5.61 -18.29
C ALA B 144 12.51 -5.23 -17.74
N TYR B 145 12.31 -5.47 -16.45
CA TYR B 145 11.06 -5.13 -15.79
C TYR B 145 10.84 -3.63 -15.69
N TYR B 146 11.90 -2.90 -15.33
CA TYR B 146 11.84 -1.45 -15.23
C TYR B 146 11.58 -0.81 -16.59
N SER B 147 12.22 -1.35 -17.63
CA SER B 147 12.19 -0.74 -18.96
C SER B 147 11.12 -1.31 -19.88
N GLY B 148 10.30 -2.21 -19.35
CA GLY B 148 9.23 -2.83 -20.11
C GLY B 148 9.68 -3.56 -21.37
N THR B 149 10.79 -4.29 -21.26
CA THR B 149 11.29 -5.09 -22.37
C THR B 149 11.47 -6.55 -21.94
N THR B 150 12.17 -7.32 -22.75
CA THR B 150 12.52 -8.69 -22.40
C THR B 150 13.97 -8.76 -21.95
N VAL B 151 14.35 -9.87 -21.33
CA VAL B 151 15.71 -10.03 -20.82
C VAL B 151 16.73 -10.01 -21.96
N GLU B 152 16.40 -10.64 -23.07
CA GLU B 152 17.31 -10.72 -24.20
C GLU B 152 17.37 -9.40 -24.98
N GLU B 153 16.26 -8.64 -24.96
CA GLU B 153 16.26 -7.31 -25.57
C GLU B 153 17.15 -6.37 -24.75
N ALA B 154 17.04 -6.48 -23.43
CA ALA B 154 17.84 -5.68 -22.52
C ALA B 154 19.32 -6.03 -22.63
N TYR B 155 19.62 -7.31 -22.74
CA TYR B 155 20.99 -7.78 -22.88
C TYR B 155 21.59 -7.32 -24.21
N LYS B 156 20.80 -7.36 -25.26
CA LYS B 156 21.23 -6.90 -26.58
C LYS B 156 21.50 -5.40 -26.57
N LEU B 157 20.71 -4.67 -25.79
CA LEU B 157 20.87 -3.22 -25.67
C LEU B 157 22.18 -2.87 -24.97
N ALA B 158 22.48 -3.60 -23.91
CA ALA B 158 23.71 -3.37 -23.15
C ALA B 158 24.95 -3.59 -24.03
N LEU B 159 24.83 -4.51 -24.98
CA LEU B 159 25.95 -4.82 -25.87
C LEU B 159 26.15 -3.75 -26.93
N LYS B 160 25.06 -3.20 -27.46
CA LYS B 160 25.15 -2.17 -28.49
C LYS B 160 25.66 -0.86 -27.89
N LEU B 161 25.38 -0.66 -26.60
CA LEU B 161 25.82 0.55 -25.92
C LEU B 161 27.19 0.34 -25.29
N GLY B 162 27.63 -0.91 -25.25
CA GLY B 162 28.95 -1.23 -24.72
C GLY B 162 29.01 -1.10 -23.21
N ILE B 163 27.89 -1.33 -22.55
CA ILE B 163 27.84 -1.20 -21.09
C ILE B 163 27.60 -2.54 -20.41
N SER B 164 27.80 -2.57 -19.10
CA SER B 164 27.64 -3.78 -18.32
C SER B 164 26.19 -3.96 -17.88
N VAL B 165 25.89 -5.11 -17.31
CA VAL B 165 24.54 -5.39 -16.80
C VAL B 165 24.26 -4.49 -15.60
N GLU B 166 25.29 -4.26 -14.79
CA GLU B 166 25.18 -3.37 -13.63
C GLU B 166 24.85 -1.94 -14.04
N GLU B 167 25.51 -1.45 -15.08
CA GLU B 167 25.25 -0.11 -15.60
C GLU B 167 23.87 -0.02 -16.24
N LEU B 168 23.48 -1.10 -16.92
CA LEU B 168 22.18 -1.17 -17.59
C LEU B 168 21.04 -1.04 -16.60
N LEU B 169 21.18 -1.72 -15.46
CA LEU B 169 20.15 -1.71 -14.42
C LEU B 169 19.95 -0.30 -13.86
N LYS B 170 21.06 0.41 -13.60
CA LYS B 170 20.98 1.79 -13.13
C LYS B 170 20.33 2.68 -14.18
N LEU B 171 20.61 2.39 -15.45
CA LEU B 171 20.05 3.15 -16.57
C LEU B 171 18.57 2.89 -16.74
N ALA B 172 18.17 1.64 -16.55
CA ALA B 172 16.77 1.26 -16.64
C ALA B 172 16.00 1.89 -15.50
N LYS B 173 16.67 2.03 -14.36
CA LYS B 173 16.06 2.63 -13.19
C LYS B 173 15.96 4.14 -13.36
N ALA B 174 16.96 4.72 -14.03
CA ALA B 174 16.96 6.15 -14.31
C ALA B 174 15.89 6.48 -15.35
N ALA B 175 15.75 5.61 -16.33
CA ALA B 175 14.74 5.76 -17.37
C ALA B 175 13.33 5.66 -16.80
N TYR B 176 13.19 4.87 -15.74
CA TYR B 176 11.91 4.69 -15.09
C TYR B 176 11.49 5.93 -14.32
N TYR B 177 12.45 6.58 -13.66
CA TYR B 177 12.18 7.79 -12.89
C TYR B 177 11.81 8.97 -13.80
N SER B 178 12.43 9.03 -14.98
CA SER B 178 12.28 10.19 -15.85
C SER B 178 11.29 9.92 -16.99
N GLY B 179 10.71 8.73 -17.02
CA GLY B 179 9.70 8.39 -18.02
C GLY B 179 10.23 8.34 -19.43
N THR B 180 11.46 7.86 -19.60
CA THR B 180 12.06 7.71 -20.92
C THR B 180 12.48 6.27 -21.16
N THR B 181 13.13 6.02 -22.29
CA THR B 181 13.67 4.70 -22.58
C THR B 181 15.10 4.60 -22.05
N VAL B 182 15.65 3.39 -22.03
CA VAL B 182 17.01 3.18 -21.53
C VAL B 182 18.04 3.85 -22.44
N GLU B 183 17.83 3.73 -23.74
CA GLU B 183 18.74 4.32 -24.72
C GLU B 183 18.69 5.84 -24.67
N GLU B 184 17.50 6.39 -24.48
CA GLU B 184 17.35 7.84 -24.34
C GLU B 184 18.08 8.38 -23.11
N ALA B 185 18.01 7.63 -22.02
CA ALA B 185 18.69 8.01 -20.79
C ALA B 185 20.21 7.95 -20.94
N TYR B 186 20.68 6.98 -21.70
CA TYR B 186 22.11 6.82 -21.93
C TYR B 186 22.65 7.96 -22.80
N LYS B 187 21.90 8.30 -23.84
CA LYS B 187 22.26 9.42 -24.71
C LYS B 187 22.26 10.72 -23.92
N LEU B 188 21.34 10.81 -22.97
CA LEU B 188 21.23 11.98 -22.09
C LEU B 188 22.46 12.12 -21.21
N ALA B 189 22.96 11.00 -20.70
CA ALA B 189 24.15 11.00 -19.87
C ALA B 189 25.39 11.38 -20.68
N LEU B 190 25.46 10.87 -21.90
CA LEU B 190 26.55 11.17 -22.80
C LEU B 190 26.54 12.64 -23.20
N LYS B 191 25.34 13.16 -23.45
CA LYS B 191 25.13 14.54 -23.83
C LYS B 191 25.54 15.53 -22.73
N LEU B 192 25.29 15.13 -21.49
CA LEU B 192 25.60 15.99 -20.35
C LEU B 192 26.99 15.74 -19.79
N GLY B 193 27.64 14.68 -20.28
CA GLY B 193 28.98 14.35 -19.84
C GLY B 193 29.05 13.84 -18.42
N ILE B 194 27.98 13.19 -17.98
CA ILE B 194 27.91 12.64 -16.63
C ILE B 194 27.95 11.12 -16.65
N SER B 195 28.17 10.52 -15.48
CA SER B 195 28.21 9.07 -15.38
C SER B 195 26.79 8.51 -15.27
N VAL B 196 26.67 7.19 -15.39
CA VAL B 196 25.40 6.51 -15.23
C VAL B 196 24.93 6.69 -13.78
N GLU B 197 25.88 6.69 -12.87
CA GLU B 197 25.59 6.87 -11.45
C GLU B 197 25.02 8.25 -11.14
N GLU B 198 25.60 9.29 -11.75
CA GLU B 198 25.12 10.65 -11.53
C GLU B 198 23.75 10.85 -12.17
N LEU B 199 23.53 10.16 -13.29
CA LEU B 199 22.26 10.27 -14.00
C LEU B 199 21.10 9.71 -13.20
N LEU B 200 21.33 8.56 -12.57
CA LEU B 200 20.29 7.93 -11.75
C LEU B 200 19.90 8.83 -10.58
N LYS B 201 20.89 9.44 -9.96
CA LYS B 201 20.66 10.38 -8.86
C LYS B 201 19.94 11.61 -9.36
N LEU B 202 20.31 12.03 -10.57
CA LEU B 202 19.73 13.22 -11.19
C LEU B 202 18.29 12.95 -11.62
N ALA B 203 18.03 11.72 -12.04
CA ALA B 203 16.69 11.29 -12.41
C ALA B 203 15.76 11.31 -11.19
N LYS B 204 16.34 10.98 -10.03
CA LYS B 204 15.58 11.02 -8.78
C LYS B 204 15.24 12.45 -8.41
N ALA B 205 16.24 13.32 -8.55
CA ALA B 205 16.09 14.73 -8.22
C ALA B 205 15.03 15.37 -9.10
N ALA B 206 15.00 14.95 -10.37
CA ALA B 206 14.02 15.44 -11.31
C ALA B 206 12.64 14.90 -10.97
N TYR B 207 12.60 13.64 -10.51
CA TYR B 207 11.35 13.02 -10.08
C TYR B 207 10.77 13.69 -8.83
N TYR B 208 11.64 13.97 -7.86
CA TYR B 208 11.19 14.59 -6.61
C TYR B 208 10.72 16.04 -6.81
N SER B 209 11.34 16.73 -7.77
CA SER B 209 11.05 18.15 -7.96
C SER B 209 10.13 18.43 -9.14
N GLY B 210 9.76 17.39 -9.87
CA GLY B 210 8.82 17.52 -10.97
C GLY B 210 9.37 18.16 -12.23
N THR B 211 10.69 18.17 -12.37
CA THR B 211 11.32 18.74 -13.55
C THR B 211 11.91 17.65 -14.42
N THR B 212 12.50 18.04 -15.55
CA THR B 212 13.20 17.07 -16.39
C THR B 212 14.60 16.86 -15.86
N VAL B 213 15.23 15.77 -16.29
CA VAL B 213 16.60 15.46 -15.89
C VAL B 213 17.55 16.58 -16.30
N GLU B 214 17.33 17.15 -17.47
CA GLU B 214 18.19 18.20 -18.00
C GLU B 214 17.97 19.52 -17.26
N GLU B 215 16.71 19.79 -16.88
CA GLU B 215 16.40 20.99 -16.11
C GLU B 215 17.05 20.95 -14.73
N ALA B 216 17.00 19.78 -14.09
CA ALA B 216 17.60 19.61 -12.78
C ALA B 216 19.12 19.74 -12.84
N TYR B 217 19.69 19.35 -13.97
CA TYR B 217 21.13 19.41 -14.16
C TYR B 217 21.60 20.85 -14.37
N LYS B 218 20.83 21.59 -15.15
CA LYS B 218 21.12 23.00 -15.39
C LYS B 218 21.04 23.79 -14.08
N LEU B 219 20.08 23.42 -13.24
CA LEU B 219 19.91 24.05 -11.93
C LEU B 219 21.12 23.81 -11.03
N ALA B 220 21.62 22.57 -11.04
CA ALA B 220 22.81 22.22 -10.26
C ALA B 220 24.02 23.04 -10.71
N LEU B 221 24.10 23.29 -12.01
CA LEU B 221 25.20 24.08 -12.57
C LEU B 221 25.04 25.55 -12.17
N LYS B 222 23.80 26.02 -12.17
CA LYS B 222 23.48 27.39 -11.84
C LYS B 222 23.76 27.71 -10.38
N LEU B 223 23.38 26.79 -9.50
CA LEU B 223 23.59 26.97 -8.06
C LEU B 223 25.01 26.61 -7.66
N GLY B 224 25.74 25.97 -8.59
CA GLY B 224 27.10 25.57 -8.33
C GLY B 224 27.20 24.49 -7.28
N ILE B 225 26.28 23.52 -7.33
CA ILE B 225 26.27 22.44 -6.36
C ILE B 225 26.42 21.08 -7.05
N SER B 226 26.81 20.08 -6.28
CA SER B 226 26.92 18.72 -6.78
C SER B 226 25.53 18.12 -7.02
N VAL B 227 25.49 17.02 -7.76
CA VAL B 227 24.23 16.32 -7.99
C VAL B 227 23.80 15.56 -6.74
N GLU B 228 24.76 15.31 -5.85
CA GLU B 228 24.48 14.67 -4.58
C GLU B 228 23.78 15.64 -3.63
N GLU B 229 24.18 16.91 -3.69
CA GLU B 229 23.51 17.95 -2.90
C GLU B 229 22.15 18.27 -3.51
N LEU B 230 22.08 18.23 -4.84
CA LEU B 230 20.84 18.49 -5.54
C LEU B 230 19.77 17.48 -5.17
N LEU B 231 20.18 16.21 -5.09
CA LEU B 231 19.26 15.14 -4.73
C LEU B 231 18.72 15.33 -3.31
N LYS B 232 19.59 15.76 -2.40
CA LYS B 232 19.16 16.08 -1.05
C LYS B 232 18.27 17.31 -1.04
N LEU B 233 18.60 18.28 -1.88
CA LEU B 233 17.82 19.50 -2.00
C LEU B 233 16.44 19.21 -2.57
N ALA B 234 16.38 18.29 -3.53
CA ALA B 234 15.12 17.93 -4.16
C ALA B 234 14.21 17.20 -3.17
N GLU B 235 14.79 16.32 -2.37
CA GLU B 235 14.05 15.62 -1.34
C GLU B 235 13.56 16.61 -0.28
N ALA B 236 14.40 17.59 0.05
CA ALA B 236 14.03 18.62 1.01
C ALA B 236 12.87 19.46 0.48
N ALA B 237 12.95 19.81 -0.80
CA ALA B 237 11.91 20.61 -1.44
C ALA B 237 10.60 19.84 -1.53
N TYR B 238 10.69 18.53 -1.70
CA TYR B 238 9.51 17.67 -1.83
C TYR B 238 8.82 17.50 -0.47
N TYR B 239 9.60 17.49 0.59
CA TYR B 239 9.06 17.37 1.94
C TYR B 239 8.41 18.68 2.36
N SER B 240 8.92 19.79 1.84
CA SER B 240 8.45 21.12 2.21
C SER B 240 7.32 21.60 1.33
N GLY B 241 7.31 21.17 0.08
CA GLY B 241 6.34 21.64 -0.89
C GLY B 241 6.82 22.92 -1.56
N THR B 242 8.14 23.11 -1.56
CA THR B 242 8.76 24.24 -2.23
C THR B 242 9.54 23.78 -3.45
N THR B 243 10.20 24.72 -4.12
CA THR B 243 11.09 24.39 -5.23
C THR B 243 12.50 24.18 -4.72
N VAL B 244 13.35 23.56 -5.53
CA VAL B 244 14.73 23.30 -5.17
C VAL B 244 15.48 24.59 -4.86
N GLU B 245 15.29 25.60 -5.70
CA GLU B 245 15.97 26.88 -5.51
C GLU B 245 15.50 27.58 -4.23
N GLU B 246 14.21 27.49 -3.94
CA GLU B 246 13.67 28.04 -2.71
C GLU B 246 14.31 27.37 -1.49
N ALA B 247 14.46 26.05 -1.58
CA ALA B 247 15.08 25.28 -0.50
C ALA B 247 16.55 25.67 -0.33
N TYR B 248 17.22 25.95 -1.44
CA TYR B 248 18.62 26.34 -1.42
C TYR B 248 18.78 27.74 -0.82
N LYS B 249 17.89 28.65 -1.20
CA LYS B 249 17.92 30.01 -0.68
C LYS B 249 17.60 30.03 0.81
N LEU B 250 16.70 29.15 1.23
CA LEU B 250 16.32 29.02 2.64
C LEU B 250 17.49 28.53 3.48
N ALA B 251 18.18 27.51 2.99
CA ALA B 251 19.35 26.96 3.68
C ALA B 251 20.43 28.02 3.86
N LEU B 252 20.60 28.87 2.86
CA LEU B 252 21.59 29.93 2.91
C LEU B 252 21.21 31.02 3.90
N LYS B 253 19.92 31.33 3.97
CA LYS B 253 19.42 32.35 4.89
C LYS B 253 19.54 31.92 6.34
N LEU B 254 19.26 30.65 6.61
CA LEU B 254 19.31 30.10 7.96
C LEU B 254 20.74 29.75 8.36
N GLY B 255 21.66 29.81 7.39
CA GLY B 255 23.05 29.49 7.65
C GLY B 255 23.26 28.04 8.01
N ILE B 256 22.54 27.16 7.31
CA ILE B 256 22.63 25.72 7.57
C ILE B 256 23.04 24.97 6.31
N SER B 257 23.49 23.73 6.50
CA SER B 257 23.91 22.90 5.38
C SER B 257 22.73 22.25 4.67
N VAL B 258 23.00 21.64 3.52
CA VAL B 258 21.98 20.94 2.76
C VAL B 258 21.53 19.72 3.57
N GLU B 259 22.48 19.12 4.28
CA GLU B 259 22.20 17.95 5.11
C GLU B 259 21.27 18.31 6.27
N GLU B 260 21.52 19.46 6.89
CA GLU B 260 20.69 19.92 8.00
C GLU B 260 19.29 20.32 7.51
N LEU B 261 19.24 20.87 6.29
CA LEU B 261 17.98 21.31 5.72
C LEU B 261 17.05 20.13 5.43
N LEU B 262 17.63 19.04 4.94
CA LEU B 262 16.86 17.84 4.64
C LEU B 262 16.22 17.27 5.91
N LYS B 263 16.97 17.27 7.00
CA LYS B 263 16.46 16.79 8.28
C LYS B 263 15.38 17.72 8.82
N LEU B 264 15.58 19.02 8.65
CA LEU B 264 14.58 20.01 9.03
C LEU B 264 13.31 19.83 8.20
N ALA B 265 13.50 19.51 6.93
CA ALA B 265 12.37 19.27 6.02
C ALA B 265 11.57 18.04 6.46
N LYS B 266 12.27 16.96 6.82
CA LYS B 266 11.60 15.79 7.37
C LYS B 266 10.89 16.13 8.67
N ALA B 267 11.57 16.88 9.53
CA ALA B 267 11.01 17.28 10.81
C ALA B 267 9.74 18.12 10.61
N ALA B 268 9.81 19.06 9.68
CA ALA B 268 8.67 19.92 9.38
C ALA B 268 7.51 19.13 8.78
N TYR B 269 7.84 18.11 8.00
CA TYR B 269 6.83 17.24 7.39
C TYR B 269 6.06 16.45 8.43
N TYR B 270 6.77 15.94 9.43
CA TYR B 270 6.13 15.21 10.51
C TYR B 270 5.28 16.13 11.39
N SER B 271 5.78 17.34 11.62
CA SER B 271 5.16 18.28 12.55
C SER B 271 4.01 19.08 11.93
N GLY B 272 3.95 19.11 10.60
CA GLY B 272 2.99 19.94 9.90
C GLY B 272 3.31 21.42 10.02
N THR B 273 4.59 21.74 9.96
CA THR B 273 5.04 23.13 10.01
C THR B 273 5.96 23.42 8.83
N THR B 274 6.46 24.66 8.76
CA THR B 274 7.51 24.99 7.80
C THR B 274 8.87 24.68 8.40
N VAL B 275 9.88 24.53 7.54
CA VAL B 275 11.24 24.25 8.00
C VAL B 275 11.76 25.44 8.81
N GLU B 276 11.32 26.65 8.43
CA GLU B 276 11.75 27.87 9.13
C GLU B 276 11.20 27.91 10.55
N GLU B 277 9.96 27.45 10.73
CA GLU B 277 9.35 27.40 12.05
C GLU B 277 9.96 26.27 12.87
N ALA B 278 10.27 25.16 12.19
CA ALA B 278 10.91 24.02 12.84
C ALA B 278 12.31 24.40 13.33
N TYR B 279 13.03 25.16 12.50
CA TYR B 279 14.36 25.63 12.87
C TYR B 279 14.31 26.62 14.02
N LYS B 280 13.24 27.42 14.06
CA LYS B 280 13.05 28.40 15.12
C LYS B 280 12.70 27.70 16.43
N LEU B 281 12.00 26.57 16.32
CA LEU B 281 11.64 25.78 17.49
C LEU B 281 12.86 25.12 18.12
N ALA B 282 13.75 24.61 17.27
CA ALA B 282 14.99 24.00 17.73
C ALA B 282 15.85 25.01 18.49
N LEU B 283 15.82 26.25 18.02
CA LEU B 283 16.57 27.32 18.66
C LEU B 283 15.97 27.69 20.02
N LYS B 284 14.64 27.79 20.07
CA LYS B 284 13.94 28.13 21.30
C LYS B 284 14.14 27.07 22.37
N LEU B 285 14.16 25.81 21.95
CA LEU B 285 14.29 24.69 22.88
C LEU B 285 15.75 24.38 23.19
N GLY B 286 16.65 25.00 22.43
CA GLY B 286 18.08 24.79 22.62
C GLY B 286 18.52 23.39 22.26
N ILE B 287 17.93 22.85 21.19
CA ILE B 287 18.28 21.50 20.74
C ILE B 287 18.81 21.52 19.31
N SER B 288 19.39 20.40 18.89
CA SER B 288 19.97 20.29 17.57
C SER B 288 18.92 19.88 16.53
N VAL B 289 19.31 19.94 15.27
CA VAL B 289 18.44 19.53 14.17
C VAL B 289 18.22 18.02 14.27
N GLU B 290 19.29 17.31 14.62
CA GLU B 290 19.25 15.87 14.81
C GLU B 290 18.24 15.48 15.89
N GLU B 291 18.23 16.22 17.00
CA GLU B 291 17.32 15.96 18.10
C GLU B 291 15.88 16.34 17.75
N LEU B 292 15.73 17.41 16.98
CA LEU B 292 14.41 17.90 16.59
C LEU B 292 13.68 16.89 15.73
N LEU B 293 14.43 16.25 14.82
CA LEU B 293 13.86 15.25 13.93
C LEU B 293 13.33 14.05 14.71
N LYS B 294 14.09 13.61 15.72
CA LYS B 294 13.66 12.52 16.58
C LYS B 294 12.42 12.93 17.39
N LEU B 295 12.38 14.19 17.79
CA LEU B 295 11.23 14.73 18.52
C LEU B 295 9.99 14.80 17.64
N ALA B 296 10.18 15.25 16.40
CA ALA B 296 9.10 15.35 15.43
C ALA B 296 8.51 13.97 15.14
N LYS B 297 9.38 12.98 15.06
CA LYS B 297 8.95 11.61 14.82
C LYS B 297 8.19 11.09 16.05
N ALA B 298 8.68 11.42 17.22
CA ALA B 298 8.04 11.02 18.48
C ALA B 298 6.66 11.67 18.63
N ALA B 299 6.58 12.95 18.28
CA ALA B 299 5.33 13.69 18.35
C ALA B 299 4.31 13.15 17.35
N TYR B 300 4.81 12.58 16.26
CA TYR B 300 3.96 11.98 15.23
C TYR B 300 3.36 10.67 15.71
N TYR B 301 4.15 9.88 16.43
CA TYR B 301 3.67 8.62 16.99
C TYR B 301 2.69 8.85 18.13
N SER B 302 2.78 10.01 18.76
CA SER B 302 2.02 10.28 19.98
C SER B 302 0.77 11.11 19.73
N GLY B 303 0.71 11.76 18.57
CA GLY B 303 -0.41 12.64 18.25
C GLY B 303 -0.34 13.93 19.04
N THR B 304 0.88 14.38 19.31
CA THR B 304 1.11 15.63 20.03
C THR B 304 1.98 16.56 19.19
N THR B 305 2.26 17.75 19.72
CA THR B 305 3.16 18.68 19.05
C THR B 305 4.60 18.39 19.45
N VAL B 306 5.55 19.00 18.75
CA VAL B 306 6.97 18.77 19.04
C VAL B 306 7.34 19.32 20.41
N GLU B 307 6.82 20.50 20.73
CA GLU B 307 7.11 21.13 22.01
C GLU B 307 6.48 20.37 23.19
N GLU B 308 5.27 19.85 22.98
CA GLU B 308 4.61 19.04 23.99
C GLU B 308 5.42 17.77 24.29
N ALA B 309 5.92 17.13 23.24
CA ALA B 309 6.74 15.94 23.38
C ALA B 309 8.05 16.24 24.12
N TYR B 310 8.60 17.43 23.88
CA TYR B 310 9.84 17.83 24.53
C TYR B 310 9.62 18.11 26.01
N LYS B 311 8.51 18.76 26.34
CA LYS B 311 8.15 19.00 27.73
C LYS B 311 7.87 17.68 28.43
N LEU B 312 7.38 16.72 27.66
CA LEU B 312 7.08 15.38 28.17
C LEU B 312 8.38 14.67 28.57
N ALA B 313 9.40 14.77 27.74
CA ALA B 313 10.69 14.15 28.01
C ALA B 313 11.40 14.81 29.19
N LEU B 314 11.29 16.13 29.29
CA LEU B 314 11.89 16.87 30.40
C LEU B 314 11.23 16.50 31.71
N LYS B 315 9.91 16.34 31.67
CA LYS B 315 9.13 16.00 32.85
C LYS B 315 9.48 14.61 33.38
N LEU B 316 9.67 13.66 32.47
CA LEU B 316 9.97 12.29 32.85
C LEU B 316 11.46 12.09 33.10
N GLY B 317 12.27 13.08 32.76
CA GLY B 317 13.70 13.01 32.96
C GLY B 317 14.38 12.02 32.04
N ILE B 318 13.82 11.86 30.84
CA ILE B 318 14.38 10.94 29.87
C ILE B 318 14.97 11.70 28.68
N SER B 319 15.76 11.00 27.87
CA SER B 319 16.36 11.60 26.70
C SER B 319 15.39 11.62 25.52
N VAL B 320 15.74 12.37 24.48
CA VAL B 320 14.95 12.42 23.26
C VAL B 320 14.93 11.04 22.62
N GLU B 321 16.05 10.33 22.74
CA GLU B 321 16.19 8.98 22.21
C GLU B 321 15.22 8.00 22.85
N GLU B 322 15.14 8.04 24.18
CA GLU B 322 14.23 7.16 24.92
C GLU B 322 12.77 7.52 24.65
N LEU B 323 12.51 8.81 24.49
CA LEU B 323 11.15 9.29 24.22
C LEU B 323 10.61 8.73 22.91
N LEU B 324 11.44 8.74 21.87
CA LEU B 324 11.04 8.23 20.57
C LEU B 324 10.69 6.75 20.64
N LYS B 325 11.50 6.00 21.37
CA LYS B 325 11.26 4.56 21.57
C LYS B 325 9.99 4.36 22.39
N LEU B 326 9.81 5.24 23.36
CA LEU B 326 8.65 5.18 24.25
C LEU B 326 7.39 5.54 23.47
N ALA B 327 7.53 6.47 22.54
CA ALA B 327 6.42 6.88 21.69
C ALA B 327 5.96 5.75 20.77
N GLU B 328 6.92 4.97 20.27
CA GLU B 328 6.60 3.82 19.44
C GLU B 328 5.97 2.72 20.28
N ALA B 329 6.48 2.53 21.49
CA ALA B 329 5.93 1.53 22.39
C ALA B 329 4.48 1.87 22.74
N ALA B 330 4.21 3.17 22.90
CA ALA B 330 2.87 3.64 23.19
C ALA B 330 1.96 3.46 21.98
N TYR B 331 2.52 3.71 20.79
CA TYR B 331 1.77 3.58 19.55
C TYR B 331 1.40 2.12 19.27
N TYR B 332 2.31 1.20 19.62
CA TYR B 332 2.07 -0.22 19.41
C TYR B 332 1.08 -0.76 20.43
N SER B 333 0.97 -0.09 21.57
CA SER B 333 0.15 -0.58 22.68
C SER B 333 -1.22 0.10 22.76
N GLY B 334 -1.35 1.27 22.15
CA GLY B 334 -2.58 2.04 22.22
C GLY B 334 -2.68 2.86 23.49
N THR B 335 -1.57 2.99 24.20
CA THR B 335 -1.52 3.78 25.44
C THR B 335 -0.84 5.12 25.17
N THR B 336 -0.80 5.97 26.18
CA THR B 336 -0.08 7.23 26.07
C THR B 336 1.40 7.02 26.38
N VAL B 337 2.21 7.99 26.03
CA VAL B 337 3.64 7.93 26.29
C VAL B 337 3.91 7.88 27.79
N GLU B 338 3.01 8.51 28.56
CA GLU B 338 3.15 8.57 30.01
C GLU B 338 2.74 7.26 30.68
N GLU B 339 1.77 6.57 30.08
CA GLU B 339 1.29 5.29 30.59
C GLU B 339 2.31 4.18 30.33
N ALA B 340 2.93 4.21 29.17
CA ALA B 340 3.94 3.22 28.81
C ALA B 340 5.16 3.35 29.70
N TYR B 341 5.48 4.58 30.09
CA TYR B 341 6.65 4.84 30.91
C TYR B 341 6.41 4.40 32.35
N LYS B 342 5.18 4.58 32.83
CA LYS B 342 4.80 4.17 34.17
C LYS B 342 4.84 2.65 34.29
N LEU B 343 4.48 1.98 33.19
CA LEU B 343 4.48 0.53 33.14
C LEU B 343 5.89 -0.04 33.16
N ALA B 344 6.79 0.59 32.41
CA ALA B 344 8.20 0.23 32.42
C ALA B 344 8.79 0.36 33.84
N LEU B 345 8.32 1.36 34.57
CA LEU B 345 8.78 1.59 35.93
C LEU B 345 8.21 0.55 36.88
N LYS B 346 6.95 0.19 36.68
CA LYS B 346 6.28 -0.79 37.51
C LYS B 346 6.84 -2.20 37.30
N LEU B 347 7.22 -2.50 36.06
CA LEU B 347 7.73 -3.82 35.72
C LEU B 347 9.23 -3.90 35.96
N GLY B 348 9.86 -2.74 36.13
CA GLY B 348 11.29 -2.67 36.37
C GLY B 348 12.11 -3.00 35.14
N ILE B 349 11.56 -2.70 33.98
CA ILE B 349 12.24 -2.98 32.71
C ILE B 349 12.68 -1.68 32.04
N SER B 350 13.59 -1.80 31.09
CA SER B 350 14.07 -0.62 30.37
C SER B 350 13.09 -0.22 29.26
N VAL B 351 13.34 0.94 28.66
CA VAL B 351 12.50 1.42 27.57
C VAL B 351 12.72 0.54 26.34
N GLU B 352 13.94 0.04 26.19
CA GLU B 352 14.28 -0.85 25.08
C GLU B 352 13.54 -2.17 25.18
N GLU B 353 13.41 -2.69 26.40
CA GLU B 353 12.65 -3.92 26.63
C GLU B 353 11.16 -3.71 26.45
N LEU B 354 10.68 -2.53 26.86
CA LEU B 354 9.26 -2.20 26.74
C LEU B 354 8.84 -2.15 25.27
N LEU B 355 9.69 -1.55 24.45
CA LEU B 355 9.41 -1.43 23.02
C LEU B 355 9.32 -2.81 22.37
N LYS B 356 10.22 -3.71 22.75
CA LYS B 356 10.20 -5.07 22.27
C LYS B 356 8.95 -5.78 22.78
N LEU B 357 8.57 -5.49 24.02
CA LEU B 357 7.38 -6.06 24.62
C LEU B 357 6.11 -5.55 23.93
N ALA B 358 6.14 -4.28 23.52
CA ALA B 358 4.99 -3.66 22.88
C ALA B 358 4.75 -4.24 21.48
N LYS B 359 5.84 -4.50 20.77
CA LYS B 359 5.75 -5.11 19.45
C LYS B 359 5.28 -6.55 19.59
N ALA B 360 5.76 -7.23 20.61
CA ALA B 360 5.34 -8.60 20.89
C ALA B 360 3.85 -8.64 21.22
N ALA B 361 3.40 -7.70 22.04
CA ALA B 361 2.00 -7.60 22.41
C ALA B 361 1.12 -7.27 21.20
N TYR B 362 1.67 -6.48 20.28
CA TYR B 362 0.93 -6.08 19.09
C TYR B 362 0.82 -7.22 18.08
N TYR B 363 1.80 -8.12 18.08
CA TYR B 363 1.78 -9.26 17.16
C TYR B 363 0.86 -10.33 17.72
N SER B 364 0.71 -10.32 19.04
CA SER B 364 -0.07 -11.32 19.74
C SER B 364 -1.54 -10.92 19.79
N GLY B 365 -1.77 -9.65 20.10
CA GLY B 365 -3.11 -9.14 20.32
C GLY B 365 -3.40 -9.10 21.80
N THR B 366 -2.34 -8.98 22.60
CA THR B 366 -2.49 -8.97 24.05
C THR B 366 -2.04 -7.64 24.67
N THR B 367 -1.96 -7.63 26.00
CA THR B 367 -1.47 -6.47 26.74
C THR B 367 0.05 -6.62 26.97
N VAL B 368 0.75 -5.49 27.04
CA VAL B 368 2.19 -5.49 27.32
C VAL B 368 2.48 -6.25 28.61
N GLU B 369 1.68 -5.98 29.63
CA GLU B 369 1.81 -6.66 30.91
C GLU B 369 1.52 -8.15 30.77
N GLU B 370 0.54 -8.49 29.95
CA GLU B 370 0.19 -9.89 29.69
C GLU B 370 1.34 -10.62 28.99
N ALA B 371 1.96 -9.94 28.03
CA ALA B 371 3.10 -10.52 27.31
C ALA B 371 4.29 -10.69 28.24
N TYR B 372 4.47 -9.74 29.15
CA TYR B 372 5.56 -9.78 30.12
C TYR B 372 5.36 -10.94 31.10
N LYS B 373 4.13 -11.09 31.58
CA LYS B 373 3.79 -12.19 32.49
C LYS B 373 3.93 -13.53 31.79
N LEU B 374 3.64 -13.55 30.49
CA LEU B 374 3.77 -14.75 29.68
C LEU B 374 5.24 -15.17 29.53
N ALA B 375 6.08 -14.20 29.22
CA ALA B 375 7.52 -14.44 29.08
C ALA B 375 8.11 -14.99 30.38
N LEU B 376 7.61 -14.49 31.51
CA LEU B 376 8.08 -14.93 32.82
C LEU B 376 7.66 -16.36 33.13
N LYS B 377 6.46 -16.72 32.72
CA LYS B 377 5.92 -18.06 32.96
C LYS B 377 6.63 -19.10 32.11
N LEU B 378 7.01 -18.70 30.90
CA LEU B 378 7.60 -19.63 29.95
C LEU B 378 9.06 -19.95 30.27
N GLY B 379 9.64 -19.20 31.21
CA GLY B 379 10.94 -19.54 31.77
C GLY B 379 12.15 -19.17 30.95
#